data_5CM9
#
_entry.id   5CM9
#
_cell.length_a   169.877
_cell.length_b   99.828
_cell.length_c   111.487
_cell.angle_alpha   90.00
_cell.angle_beta   127.00
_cell.angle_gamma   90.00
#
_symmetry.space_group_name_H-M   'C 1 2 1'
#
loop_
_entity.id
_entity.type
_entity.pdbx_description
1 polymer 'Ral guanine nucleotide dissociation stimulator-like 2'
2 polymer 'Ras-related protein Ral-a'
3 water water
#
loop_
_entity_poly.entity_id
_entity_poly.type
_entity_poly.pdbx_seq_one_letter_code
_entity_poly.pdbx_strand_id
1 'polypeptide(L)'
;GPLGSPNSEEEASVSVWDEEEDGATFTVTSRQYRPLDPLAPLPPPRSSRRLRAGTLEALVRHLLDARTAGADMMFTPALL
ATHRAFTSTPALFGLVADRLEALESYPPGELERTTGVAISVLSTWLASHPEDFGSEVKGQLDRLESFLLRTGYAAREGVV
GGSADLIRNLRARVDPRAPDLPKPLALPGDSPADPTDVLVFLADHLAEQLTLLDAELFLNLIPSQCLGGLWGHRDRPGHS
HLCPSVRATVTQFNKVAGAVVSSVLGATSIGEGPREVTVRPLRPPQRARLLEKWIRVAEECRLLRNFSSVYAVVSALQSS
PIHRLRAAWGETTRDSLRVFSSLCQIFSEEDNYSQSRELLTQEVKPQPPVEPHSKKAPRSGFRGGGVVPYLGTFLKDLVM
LDAASKDELENGYINFDKRRKEFAILSELLRLQKECRGYDLRPNSDIQQWLQGLQPLTEAQSHRVSCEVEPPG
;
A,B
2 'polypeptide(L)'
;GSMSKKPTAGPALHKVIMVGSGGVGKSALTLQFMYDEFVEDYEPTKADSYRKKVVLDGEEVQIDILDTAGQEDYAAIRDN
YFRSGEGFLCVFSITDDESFQATQEFREQILRVKNDESIPFLLVGNKCDLNDKRKVPLSECQLRAQQWAVPYVETSAKTR
ENVDKVFFDLMREIRSRKTEDSKATSGRAKDRCKKRRLKCTLL
;
C,D
#
# COMPACT_ATOMS: atom_id res chain seq x y z
N SER A 13 11.26 53.10 17.44
CA SER A 13 10.21 52.06 17.25
C SER A 13 10.58 50.78 18.01
N VAL A 14 11.55 50.04 17.49
CA VAL A 14 12.09 48.85 18.16
C VAL A 14 13.62 48.93 18.13
N SER A 15 14.23 49.04 19.30
CA SER A 15 15.69 49.20 19.39
C SER A 15 16.33 48.18 20.31
N VAL A 16 17.44 47.59 19.86
CA VAL A 16 18.14 46.54 20.59
C VAL A 16 19.64 46.84 20.72
N TRP A 17 20.13 46.83 21.95
CA TRP A 17 21.54 47.13 22.22
C TRP A 17 22.08 46.30 23.38
N ASP A 18 23.30 45.80 23.22
CA ASP A 18 23.95 45.00 24.25
C ASP A 18 24.49 45.83 25.41
N GLU A 19 24.74 45.17 26.52
CA GLU A 19 25.38 45.78 27.70
C GLU A 19 26.43 44.83 28.27
N GLU A 20 27.26 45.34 29.18
CA GLU A 20 28.26 44.53 29.85
C GLU A 20 28.49 45.01 31.27
N GLU A 21 28.63 44.08 32.20
CA GLU A 21 28.77 44.40 33.63
C GLU A 21 29.90 43.59 34.27
N ASP A 22 30.02 43.70 35.60
CA ASP A 22 31.14 43.09 36.35
C ASP A 22 31.50 41.68 35.90
N GLY A 23 30.51 40.78 35.91
CA GLY A 23 30.73 39.40 35.48
C GLY A 23 29.59 38.85 34.62
N ALA A 24 28.85 39.75 33.97
CA ALA A 24 27.67 39.37 33.19
C ALA A 24 27.47 40.19 31.91
N THR A 25 26.63 39.67 31.02
CA THR A 25 26.30 40.33 29.75
C THR A 25 24.78 40.45 29.62
N PHE A 26 24.31 41.67 29.35
CA PHE A 26 22.88 41.92 29.24
C PHE A 26 22.47 42.33 27.83
N THR A 27 21.17 42.29 27.57
CA THR A 27 20.60 42.75 26.30
C THR A 27 19.31 43.50 26.59
N VAL A 28 19.30 44.77 26.21
CA VAL A 28 18.12 45.62 26.39
C VAL A 28 17.31 45.58 25.10
N THR A 29 16.00 45.38 25.23
CA THR A 29 15.09 45.43 24.10
C THR A 29 13.93 46.36 24.44
N SER A 30 14.07 47.63 24.05
CA SER A 30 13.03 48.63 24.31
C SER A 30 12.25 48.93 23.04
N ARG A 31 10.96 48.60 23.07
CA ARG A 31 10.05 48.88 21.96
C ARG A 31 9.08 50.00 22.32
N GLN A 32 9.06 51.02 21.46
CA GLN A 32 8.15 52.16 21.62
C GLN A 32 6.80 51.86 20.99
N TYR A 33 5.78 51.77 21.82
CA TYR A 33 4.42 51.54 21.33
C TYR A 33 3.68 52.86 21.11
N ARG A 34 2.96 52.91 19.98
CA ARG A 34 2.13 54.06 19.61
C ARG A 34 1.05 54.26 20.67
N PRO A 35 0.82 55.53 21.08
CA PRO A 35 -0.19 55.83 22.11
C PRO A 35 -1.61 55.51 21.66
N LEU A 36 -2.50 55.31 22.63
CA LEU A 36 -3.92 54.99 22.35
C LEU A 36 -4.64 56.20 21.76
N ASP A 37 -4.25 57.39 22.21
CA ASP A 37 -4.67 58.64 21.59
C ASP A 37 -3.54 59.13 20.68
N PRO A 38 -3.81 59.23 19.37
CA PRO A 38 -2.75 59.52 18.39
C PRO A 38 -2.09 60.90 18.54
N LEU A 39 -2.72 61.79 19.31
CA LEU A 39 -2.24 63.15 19.49
C LEU A 39 -1.60 63.35 20.87
N ALA A 40 -1.61 62.30 21.69
CA ALA A 40 -1.05 62.36 23.04
C ALA A 40 0.47 62.17 23.04
N PRO A 41 1.15 62.45 24.17
CA PRO A 41 2.59 62.21 24.27
C PRO A 41 2.91 60.71 24.22
N LEU A 42 4.08 60.37 23.66
CA LEU A 42 4.53 58.98 23.62
C LEU A 42 4.51 58.35 25.01
N PRO A 43 3.83 57.19 25.15
CA PRO A 43 3.84 56.49 26.43
C PRO A 43 5.21 55.88 26.69
N PRO A 44 5.58 55.68 27.98
CA PRO A 44 6.89 55.15 28.33
C PRO A 44 7.21 53.87 27.55
N PRO A 45 8.40 53.83 26.90
CA PRO A 45 8.81 52.66 26.12
C PRO A 45 8.83 51.39 26.97
N ARG A 46 8.32 50.30 26.40
CA ARG A 46 8.31 49.00 27.08
C ARG A 46 9.66 48.33 26.86
N SER A 47 10.42 48.17 27.94
CA SER A 47 11.79 47.70 27.88
C SER A 47 12.01 46.40 28.67
N SER A 48 13.01 45.62 28.25
CA SER A 48 13.37 44.39 28.93
C SER A 48 14.88 44.14 28.90
N ARG A 49 15.53 44.39 30.04
CA ARG A 49 16.96 44.12 30.20
C ARG A 49 17.12 42.65 30.59
N ARG A 50 17.56 41.83 29.64
CA ARG A 50 17.65 40.39 29.86
C ARG A 50 19.10 39.90 29.94
N LEU A 51 19.40 39.16 31.00
CA LEU A 51 20.72 38.54 31.16
C LEU A 51 20.91 37.46 30.09
N ARG A 52 22.07 37.48 29.45
CA ARG A 52 22.38 36.57 28.36
C ARG A 52 23.46 35.56 28.71
N ALA A 53 24.42 36.00 29.51
CA ALA A 53 25.52 35.16 29.99
C ALA A 53 26.11 35.77 31.25
N GLY A 54 26.90 34.99 31.98
CA GLY A 54 27.55 35.49 33.17
C GLY A 54 27.97 34.42 34.17
N THR A 55 28.80 34.81 35.13
CA THR A 55 29.23 33.93 36.20
C THR A 55 28.05 33.56 37.09
N LEU A 56 28.22 32.48 37.85
CA LEU A 56 27.21 32.01 38.78
C LEU A 56 26.88 33.08 39.83
N GLU A 57 27.90 33.78 40.32
CA GLU A 57 27.72 34.86 41.29
C GLU A 57 26.93 36.01 40.71
N ALA A 58 27.23 36.35 39.45
CA ALA A 58 26.56 37.42 38.73
C ALA A 58 25.08 37.11 38.53
N LEU A 59 24.77 35.84 38.29
CA LEU A 59 23.40 35.35 38.17
C LEU A 59 22.62 35.55 39.47
N VAL A 60 23.29 35.38 40.60
CA VAL A 60 22.66 35.57 41.91
C VAL A 60 22.48 37.05 42.24
N ARG A 61 23.39 37.91 41.74
CA ARG A 61 23.21 39.36 41.82
C ARG A 61 21.95 39.76 41.07
N HIS A 62 21.83 39.27 39.85
CA HIS A 62 20.67 39.51 39.01
C HIS A 62 19.41 38.92 39.62
N LEU A 63 19.55 37.73 40.23
CA LEU A 63 18.45 37.06 40.91
C LEU A 63 17.89 37.92 42.05
N LEU A 64 18.78 38.56 42.79
CA LEU A 64 18.38 39.29 44.00
C LEU A 64 18.13 40.78 43.77
N ASP A 65 18.24 41.20 42.52
CA ASP A 65 17.94 42.58 42.11
C ASP A 65 16.43 42.76 41.98
N ALA A 66 15.91 43.81 42.63
CA ALA A 66 14.48 44.12 42.62
C ALA A 66 13.95 44.46 41.21
N ARG A 67 14.84 44.93 40.34
CA ARG A 67 14.46 45.30 38.98
C ARG A 67 14.11 44.10 38.08
N THR A 68 14.69 42.94 38.38
CA THR A 68 14.59 41.74 37.54
C THR A 68 13.15 41.25 37.33
N ALA A 69 12.36 41.30 38.40
CA ALA A 69 10.96 40.92 38.36
C ALA A 69 10.22 41.50 37.15
N GLY A 70 10.49 42.77 36.83
CA GLY A 70 9.84 43.46 35.71
C GLY A 70 10.68 43.61 34.45
N ALA A 71 12.00 43.62 34.59
CA ALA A 71 12.91 43.77 33.46
C ALA A 71 13.20 42.43 32.75
N ASP A 72 13.29 41.36 33.53
CA ASP A 72 13.62 40.02 33.02
C ASP A 72 12.68 39.03 33.70
N MET A 73 11.39 39.19 33.45
CA MET A 73 10.30 38.46 34.13
C MET A 73 10.57 36.98 34.30
N MET A 74 11.13 36.37 33.26
CA MET A 74 11.33 34.93 33.23
C MET A 74 12.78 34.49 33.38
N PHE A 75 13.55 35.26 34.15
CA PHE A 75 14.90 34.86 34.53
C PHE A 75 14.86 34.02 35.79
N THR A 76 14.11 34.50 36.80
CA THR A 76 13.99 33.83 38.09
C THR A 76 13.46 32.38 37.99
N PRO A 77 12.28 32.16 37.36
CA PRO A 77 11.80 30.79 37.20
C PRO A 77 12.70 29.91 36.33
N ALA A 78 13.43 30.50 35.39
CA ALA A 78 14.33 29.75 34.52
C ALA A 78 15.62 29.33 35.23
N LEU A 79 16.13 30.19 36.10
CA LEU A 79 17.31 29.88 36.87
C LEU A 79 16.97 28.77 37.85
N LEU A 80 15.84 28.92 38.53
CA LEU A 80 15.42 27.97 39.55
C LEU A 80 15.17 26.57 39.00
N ALA A 81 14.51 26.49 37.84
CA ALA A 81 14.18 25.22 37.22
C ALA A 81 15.39 24.49 36.63
N THR A 82 16.40 25.24 36.21
CA THR A 82 17.53 24.64 35.46
C THR A 82 18.86 24.58 36.23
N HIS A 83 18.90 25.17 37.42
CA HIS A 83 20.16 25.31 38.16
C HIS A 83 20.92 24.01 38.43
N ARG A 84 20.20 22.89 38.55
CA ARG A 84 20.83 21.58 38.78
C ARG A 84 21.68 21.10 37.59
N ALA A 85 21.50 21.76 36.45
CA ALA A 85 22.29 21.44 35.26
C ALA A 85 23.72 21.99 35.32
N PHE A 86 23.93 23.06 36.07
CA PHE A 86 25.24 23.73 36.16
C PHE A 86 25.72 24.05 37.58
N THR A 87 24.92 23.69 38.58
CA THR A 87 25.26 23.90 39.98
C THR A 87 24.56 22.85 40.84
N SER A 88 24.54 23.10 42.14
CA SER A 88 23.77 22.32 43.08
C SER A 88 22.91 23.26 43.93
N THR A 89 21.86 22.71 44.53
CA THR A 89 20.94 23.47 45.37
C THR A 89 21.62 24.17 46.57
N PRO A 90 22.52 23.47 47.30
CA PRO A 90 23.15 24.15 48.44
C PRO A 90 24.11 25.28 48.05
N ALA A 91 24.69 25.21 46.85
CA ALA A 91 25.56 26.27 46.35
C ALA A 91 24.73 27.51 45.99
N LEU A 92 23.63 27.31 45.29
CA LEU A 92 22.73 28.39 44.91
C LEU A 92 22.16 29.07 46.14
N PHE A 93 21.75 28.26 47.11
CA PHE A 93 21.27 28.74 48.42
C PHE A 93 22.42 29.44 49.15
N GLY A 94 23.62 28.84 49.05
CA GLY A 94 24.82 29.37 49.69
C GLY A 94 25.16 30.77 49.22
N LEU A 95 25.20 30.94 47.90
CA LEU A 95 25.49 32.23 47.29
C LEU A 95 24.47 33.31 47.64
N VAL A 96 23.21 32.91 47.78
CA VAL A 96 22.15 33.84 48.21
C VAL A 96 22.39 34.26 49.66
N ALA A 97 22.92 33.36 50.47
CA ALA A 97 23.27 33.67 51.86
C ALA A 97 24.56 34.49 51.91
N ASP A 98 25.44 34.28 50.94
CA ASP A 98 26.67 35.06 50.81
C ASP A 98 26.30 36.53 50.63
N ARG A 99 25.47 36.78 49.61
CA ARG A 99 25.02 38.12 49.28
C ARG A 99 24.39 38.82 50.47
N LEU A 100 23.48 38.13 51.13
CA LEU A 100 22.73 38.71 52.24
C LEU A 100 23.61 39.05 53.43
N GLU A 101 24.54 38.17 53.76
CA GLU A 101 25.50 38.41 54.85
C GLU A 101 26.47 39.52 54.50
N ALA A 102 26.80 39.64 53.21
CA ALA A 102 27.64 40.74 52.72
C ALA A 102 26.95 42.10 52.86
N LEU A 103 25.62 42.10 52.72
CA LEU A 103 24.83 43.33 52.81
C LEU A 103 24.46 43.72 54.24
N GLU A 104 24.96 42.96 55.23
CA GLU A 104 24.69 43.25 56.64
C GLU A 104 25.29 44.58 57.09
N SER A 105 26.51 44.87 56.63
CA SER A 105 27.19 46.11 56.96
C SER A 105 26.65 47.32 56.19
N TYR A 106 25.97 47.05 55.07
CA TYR A 106 25.36 48.09 54.23
C TYR A 106 24.34 48.95 54.97
N PRO A 107 24.00 50.13 54.40
CA PRO A 107 22.87 50.92 54.88
C PRO A 107 21.58 50.07 54.87
N PRO A 108 20.76 50.20 55.94
CA PRO A 108 19.61 49.33 56.20
C PRO A 108 18.58 49.24 55.06
N GLY A 109 18.48 50.32 54.28
CA GLY A 109 17.53 50.39 53.15
C GLY A 109 17.82 49.41 52.04
N GLU A 110 19.09 49.35 51.61
CA GLU A 110 19.50 48.39 50.60
C GLU A 110 19.42 46.95 51.14
N LEU A 111 19.63 46.81 52.45
CA LEU A 111 19.57 45.51 53.11
C LEU A 111 18.14 44.95 53.13
N GLU A 112 17.18 45.78 53.49
CA GLU A 112 15.78 45.38 53.57
C GLU A 112 15.22 44.94 52.21
N ARG A 113 15.41 45.77 51.18
CA ARG A 113 14.84 45.50 49.87
C ARG A 113 15.36 44.20 49.24
N THR A 114 16.64 43.92 49.42
CA THR A 114 17.24 42.67 48.93
C THR A 114 16.76 41.47 49.76
N THR A 115 16.78 41.61 51.08
CA THR A 115 16.19 40.60 51.96
C THR A 115 14.80 40.26 51.45
N GLY A 116 14.04 41.29 51.11
CA GLY A 116 12.69 41.15 50.53
C GLY A 116 12.65 40.37 49.24
N VAL A 117 13.58 40.66 48.33
CA VAL A 117 13.69 39.91 47.08
C VAL A 117 14.10 38.46 47.37
N ALA A 118 15.06 38.29 48.28
CA ALA A 118 15.51 36.98 48.69
C ALA A 118 14.37 36.15 49.29
N ILE A 119 13.57 36.77 50.15
CA ILE A 119 12.36 36.14 50.70
C ILE A 119 11.42 35.71 49.58
N SER A 120 11.20 36.61 48.63
CA SER A 120 10.29 36.35 47.51
C SER A 120 10.79 35.28 46.56
N VAL A 121 12.11 35.23 46.33
CA VAL A 121 12.74 34.26 45.42
C VAL A 121 12.71 32.84 45.99
N LEU A 122 13.02 32.72 47.28
CA LEU A 122 13.05 31.42 47.95
C LEU A 122 11.65 30.82 48.07
N SER A 123 10.67 31.67 48.35
CA SER A 123 9.27 31.25 48.47
C SER A 123 8.74 30.71 47.15
N THR A 124 9.11 31.39 46.06
CA THR A 124 8.76 30.94 44.72
C THR A 124 9.42 29.59 44.44
N TRP A 125 10.70 29.49 44.83
CA TRP A 125 11.49 28.29 44.65
C TRP A 125 10.88 27.13 45.44
N LEU A 126 10.54 27.40 46.70
CA LEU A 126 9.90 26.45 47.60
C LEU A 126 8.57 25.94 47.05
N ALA A 127 7.76 26.84 46.49
CA ALA A 127 6.48 26.47 45.90
C ALA A 127 6.65 25.72 44.59
N SER A 128 7.65 26.12 43.81
CA SER A 128 7.87 25.52 42.49
C SER A 128 8.62 24.18 42.57
N HIS A 129 9.68 24.11 43.36
CA HIS A 129 10.45 22.88 43.49
C HIS A 129 10.76 22.52 44.96
N PRO A 130 9.76 22.03 45.70
CA PRO A 130 10.01 21.64 47.09
C PRO A 130 10.99 20.47 47.22
N GLU A 131 10.94 19.54 46.28
CA GLU A 131 11.82 18.36 46.28
C GLU A 131 13.31 18.71 46.17
N ASP A 132 13.61 20.00 46.11
CA ASP A 132 14.98 20.49 46.10
C ASP A 132 15.56 20.60 47.50
N PHE A 133 14.70 20.91 48.45
CA PHE A 133 15.12 21.21 49.82
C PHE A 133 15.13 19.94 50.66
N GLY A 134 16.29 19.27 50.68
CA GLY A 134 16.50 18.07 51.50
C GLY A 134 17.27 18.39 52.76
N SER A 135 18.00 17.41 53.27
CA SER A 135 18.84 17.63 54.46
C SER A 135 20.19 18.25 54.06
N GLU A 136 20.46 18.25 52.75
CA GLU A 136 21.66 18.84 52.17
C GLU A 136 21.81 20.34 52.45
N VAL A 137 20.69 21.02 52.71
CA VAL A 137 20.71 22.48 52.91
C VAL A 137 20.47 22.93 54.37
N LYS A 138 20.65 22.01 55.32
CA LYS A 138 20.45 22.31 56.74
C LYS A 138 21.29 23.49 57.25
N GLY A 139 22.55 23.56 56.82
CA GLY A 139 23.45 24.63 57.22
C GLY A 139 23.08 25.98 56.61
N GLN A 140 22.74 25.94 55.33
CA GLN A 140 22.32 27.13 54.59
C GLN A 140 21.03 27.71 55.16
N LEU A 141 20.13 26.84 55.60
CA LEU A 141 18.89 27.24 56.24
C LEU A 141 19.18 27.94 57.57
N ASP A 142 20.12 27.40 58.35
CA ASP A 142 20.56 28.02 59.60
C ASP A 142 21.19 29.39 59.31
N ARG A 143 21.95 29.46 58.22
CA ARG A 143 22.63 30.67 57.80
C ARG A 143 21.61 31.78 57.54
N LEU A 144 20.58 31.46 56.78
CA LEU A 144 19.47 32.38 56.48
C LEU A 144 18.64 32.71 57.72
N GLU A 145 18.46 31.72 58.59
CA GLU A 145 17.64 31.90 59.78
C GLU A 145 18.34 32.80 60.80
N SER A 146 19.65 32.60 60.98
CA SER A 146 20.46 33.46 61.82
C SER A 146 20.42 34.89 61.32
N PHE A 147 20.53 35.05 60.00
CA PHE A 147 20.52 36.34 59.35
C PHE A 147 19.26 37.14 59.68
N LEU A 148 18.10 36.54 59.45
CA LEU A 148 16.81 37.22 59.61
C LEU A 148 16.56 37.73 61.02
N LEU A 149 17.03 36.97 62.02
CA LEU A 149 16.92 37.36 63.43
C LEU A 149 17.99 38.39 63.79
N ARG A 150 19.18 38.24 63.24
CA ARG A 150 20.29 39.15 63.51
C ARG A 150 20.04 40.56 62.98
N THR A 151 19.47 40.65 61.78
CA THR A 151 19.14 41.94 61.16
C THR A 151 17.79 42.48 61.64
N GLY A 152 17.03 41.65 62.37
CA GLY A 152 15.74 42.04 62.94
C GLY A 152 14.60 42.16 61.94
N TYR A 153 14.86 41.74 60.71
CA TYR A 153 13.91 41.86 59.60
C TYR A 153 12.49 41.41 59.95
N GLY A 162 6.61 37.67 54.12
CA GLY A 162 6.39 36.36 54.70
C GLY A 162 7.67 35.65 55.11
N SER A 163 8.50 36.35 55.87
CA SER A 163 9.72 35.79 56.46
C SER A 163 9.41 34.58 57.34
N ALA A 164 8.59 34.80 58.37
CA ALA A 164 8.16 33.73 59.28
C ALA A 164 7.46 32.60 58.52
N ASP A 165 6.66 32.98 57.52
CA ASP A 165 5.96 32.05 56.64
C ASP A 165 6.93 31.14 55.88
N LEU A 166 7.99 31.73 55.34
CA LEU A 166 9.00 31.00 54.57
C LEU A 166 9.83 30.04 55.41
N ILE A 167 10.18 30.49 56.61
CA ILE A 167 11.00 29.69 57.53
C ILE A 167 10.24 28.45 58.00
N ARG A 168 8.98 28.63 58.35
CA ARG A 168 8.10 27.54 58.74
C ARG A 168 8.04 26.46 57.66
N ASN A 169 7.84 26.90 56.41
CA ASN A 169 7.69 25.98 55.30
C ASN A 169 8.98 25.28 54.88
N LEU A 170 10.10 25.98 55.01
CA LEU A 170 11.41 25.43 54.68
C LEU A 170 11.84 24.35 55.67
N ARG A 171 11.55 24.59 56.95
CA ARG A 171 11.89 23.66 58.02
C ARG A 171 11.08 22.37 57.93
N ALA A 172 9.83 22.48 57.50
CA ALA A 172 8.94 21.33 57.32
C ALA A 172 9.30 20.50 56.08
N ARG A 173 10.29 20.95 55.32
CA ARG A 173 10.77 20.24 54.14
C ARG A 173 12.19 19.73 54.33
N VAL A 174 12.96 20.43 55.16
CA VAL A 174 14.33 20.05 55.46
C VAL A 174 14.39 19.12 56.67
N ASP A 175 13.47 19.35 57.62
CA ASP A 175 13.43 18.55 58.85
C ASP A 175 12.14 17.71 58.99
N PRO A 176 12.01 16.63 58.18
CA PRO A 176 10.96 15.65 58.52
C PRO A 176 11.53 14.40 59.21
N PRO A 192 0.37 -15.08 40.59
CA PRO A 192 0.93 -14.86 39.26
C PRO A 192 -0.18 -14.71 38.23
N ALA A 193 -0.51 -13.47 37.88
CA ALA A 193 -1.71 -13.20 37.09
C ALA A 193 -1.62 -13.67 35.65
N ASP A 194 -2.78 -13.96 35.07
CA ASP A 194 -2.89 -14.44 33.70
C ASP A 194 -3.06 -13.24 32.77
N PRO A 195 -2.10 -13.03 31.86
CA PRO A 195 -2.16 -11.85 30.99
C PRO A 195 -3.29 -11.93 29.96
N THR A 196 -3.83 -13.13 29.74
CA THR A 196 -4.97 -13.32 28.83
C THR A 196 -6.30 -12.89 29.48
N ASP A 197 -6.26 -12.62 30.78
CA ASP A 197 -7.44 -12.18 31.52
C ASP A 197 -7.81 -10.72 31.28
N VAL A 198 -7.04 -10.04 30.44
CA VAL A 198 -7.39 -8.69 30.01
C VAL A 198 -8.78 -8.64 29.38
N LEU A 199 -9.23 -9.75 28.80
CA LEU A 199 -10.54 -9.87 28.13
C LEU A 199 -11.70 -9.79 29.13
N VAL A 200 -11.39 -10.05 30.38
CA VAL A 200 -12.37 -10.09 31.46
C VAL A 200 -12.87 -8.68 31.79
N PHE A 201 -12.04 -7.67 31.53
CA PHE A 201 -12.40 -6.29 31.84
C PHE A 201 -12.84 -5.52 30.60
N LEU A 202 -13.77 -4.59 30.78
CA LEU A 202 -14.17 -3.67 29.71
C LEU A 202 -13.00 -2.76 29.34
N ALA A 203 -12.87 -2.49 28.05
CA ALA A 203 -11.70 -1.78 27.52
C ALA A 203 -11.50 -0.39 28.11
N ASP A 204 -12.59 0.40 28.15
CA ASP A 204 -12.55 1.75 28.72
C ASP A 204 -12.22 1.73 30.21
N HIS A 205 -12.60 0.65 30.89
CA HIS A 205 -12.25 0.44 32.29
C HIS A 205 -10.75 0.22 32.43
N LEU A 206 -10.16 -0.46 31.44
CA LEU A 206 -8.72 -0.72 31.44
C LEU A 206 -7.95 0.58 31.18
N ALA A 207 -8.37 1.33 30.18
CA ALA A 207 -7.76 2.62 29.86
C ALA A 207 -7.76 3.59 31.05
N GLU A 208 -8.87 3.63 31.80
CA GLU A 208 -8.98 4.48 32.99
C GLU A 208 -7.94 4.13 34.04
N GLN A 209 -7.79 2.84 34.32
CA GLN A 209 -6.77 2.35 35.23
C GLN A 209 -5.36 2.65 34.75
N LEU A 210 -5.09 2.45 33.47
CA LEU A 210 -3.77 2.78 32.91
C LEU A 210 -3.53 4.28 32.98
N THR A 211 -4.56 5.06 32.68
CA THR A 211 -4.48 6.51 32.72
C THR A 211 -4.28 7.00 34.16
N LEU A 212 -4.96 6.36 35.10
CA LEU A 212 -4.77 6.62 36.52
C LEU A 212 -3.30 6.50 36.90
N LEU A 213 -2.68 5.38 36.51
CA LEU A 213 -1.28 5.12 36.85
C LEU A 213 -0.31 6.07 36.15
N ASP A 214 -0.52 6.29 34.86
CA ASP A 214 0.29 7.21 34.06
C ASP A 214 0.18 8.66 34.52
N ALA A 215 -1.03 9.07 34.90
CA ALA A 215 -1.30 10.44 35.32
C ALA A 215 -0.59 10.80 36.62
N GLU A 216 -0.73 9.95 37.64
CA GLU A 216 -0.10 10.23 38.92
C GLU A 216 1.43 10.20 38.83
N LEU A 217 1.97 9.42 37.89
CA LEU A 217 3.40 9.43 37.62
C LEU A 217 3.83 10.70 36.91
N PHE A 218 2.95 11.23 36.07
CA PHE A 218 3.19 12.49 35.37
C PHE A 218 3.09 13.70 36.31
N LEU A 219 2.23 13.60 37.33
CA LEU A 219 2.14 14.64 38.36
C LEU A 219 3.35 14.61 39.29
N ASN A 220 3.85 13.41 39.57
CA ASN A 220 5.07 13.22 40.35
C ASN A 220 6.35 13.60 39.60
N LEU A 221 6.24 13.77 38.27
CA LEU A 221 7.36 14.15 37.43
C LEU A 221 7.96 15.48 37.86
N ILE A 222 9.25 15.44 38.21
CA ILE A 222 10.03 16.63 38.51
C ILE A 222 10.73 17.06 37.21
N PRO A 223 10.25 18.16 36.59
CA PRO A 223 10.60 18.54 35.21
C PRO A 223 12.08 18.86 35.02
N SER A 224 12.76 19.26 36.09
CA SER A 224 14.19 19.53 36.07
C SER A 224 15.01 18.27 35.80
N GLN A 225 14.43 17.12 36.15
CA GLN A 225 15.06 15.83 35.90
C GLN A 225 15.02 15.43 34.41
N CYS A 226 14.17 16.10 33.65
CA CYS A 226 14.07 15.84 32.22
C CYS A 226 15.18 16.54 31.42
N LEU A 227 15.92 17.43 32.07
CA LEU A 227 17.00 18.18 31.41
C LEU A 227 18.03 17.24 30.80
N GLY A 228 18.39 17.52 29.54
CA GLY A 228 19.31 16.69 28.77
C GLY A 228 20.69 16.53 29.39
N GLY A 229 21.07 17.50 30.23
CA GLY A 229 22.34 17.42 30.96
C GLY A 229 22.28 16.50 32.16
N LEU A 230 21.09 15.96 32.45
CA LEU A 230 20.91 15.02 33.55
C LEU A 230 20.39 13.68 33.06
N TRP A 231 19.35 13.71 32.23
CA TRP A 231 18.77 12.51 31.64
C TRP A 231 19.75 11.83 30.69
N GLY A 232 20.51 12.65 29.96
CA GLY A 232 21.54 12.16 29.05
C GLY A 232 22.64 11.37 29.75
N HIS A 233 22.90 11.67 31.01
CA HIS A 233 23.97 11.00 31.76
C HIS A 233 23.47 9.96 32.75
N ARG A 234 22.23 9.51 32.59
CA ARG A 234 21.62 8.56 33.52
C ARG A 234 22.37 7.22 33.57
N ASP A 235 23.02 6.87 32.48
CA ASP A 235 23.71 5.58 32.35
C ASP A 235 25.13 5.59 32.93
N ARG A 236 25.73 6.78 32.99
CA ARG A 236 27.08 6.96 33.56
C ARG A 236 27.27 6.29 34.94
N PRO A 237 28.49 5.75 35.19
CA PRO A 237 28.86 4.85 36.30
C PRO A 237 28.49 5.23 37.75
N GLY A 238 27.79 6.33 37.95
CA GLY A 238 27.34 6.71 39.30
C GLY A 238 25.98 7.36 39.37
N HIS A 239 25.19 7.21 38.30
CA HIS A 239 23.92 7.92 38.18
C HIS A 239 22.69 7.00 38.19
N SER A 240 22.79 5.87 38.90
CA SER A 240 21.71 4.89 38.98
C SER A 240 20.50 5.40 39.79
N HIS A 241 20.73 6.32 40.72
CA HIS A 241 19.67 6.89 41.55
C HIS A 241 19.25 8.28 41.04
N LEU A 242 19.84 8.70 39.92
CA LEU A 242 19.51 9.99 39.32
C LEU A 242 18.28 9.89 38.40
N CYS A 243 17.47 10.95 38.41
CA CYS A 243 16.28 11.08 37.54
C CYS A 243 15.14 10.09 37.83
N PRO A 244 14.81 9.84 39.13
CA PRO A 244 13.89 8.77 39.48
C PRO A 244 12.48 8.91 38.90
N SER A 245 11.92 10.11 38.95
CA SER A 245 10.56 10.36 38.50
C SER A 245 10.38 10.14 37.00
N VAL A 246 11.39 10.48 36.22
CA VAL A 246 11.39 10.22 34.78
C VAL A 246 11.46 8.72 34.51
N ARG A 247 12.36 8.03 35.19
CA ARG A 247 12.49 6.57 35.09
C ARG A 247 11.20 5.85 35.45
N ALA A 248 10.52 6.32 36.49
CA ALA A 248 9.25 5.75 36.91
C ALA A 248 8.20 5.80 35.78
N THR A 249 8.18 6.92 35.06
CA THR A 249 7.34 7.09 33.87
C THR A 249 7.66 6.06 32.78
N VAL A 250 8.96 5.85 32.55
CA VAL A 250 9.45 4.92 31.52
C VAL A 250 9.12 3.47 31.91
N THR A 251 9.35 3.13 33.17
CA THR A 251 9.04 1.79 33.68
C THR A 251 7.56 1.43 33.48
N GLN A 252 6.66 2.40 33.67
CA GLN A 252 5.24 2.17 33.42
C GLN A 252 4.89 2.04 31.94
N PHE A 253 5.53 2.85 31.10
CA PHE A 253 5.42 2.69 29.66
C PHE A 253 5.85 1.27 29.26
N ASN A 254 6.93 0.78 29.84
CA ASN A 254 7.45 -0.56 29.54
C ASN A 254 6.61 -1.71 30.12
N LYS A 255 6.00 -1.48 31.28
CA LYS A 255 5.09 -2.45 31.86
C LYS A 255 3.84 -2.64 31.00
N VAL A 256 3.30 -1.55 30.47
CA VAL A 256 2.15 -1.58 29.56
C VAL A 256 2.51 -2.27 28.25
N ALA A 257 3.58 -1.81 27.60
CA ALA A 257 4.06 -2.46 26.37
C ALA A 257 4.38 -3.94 26.60
N GLY A 258 4.90 -4.26 27.78
CA GLY A 258 5.08 -5.65 28.18
C GLY A 258 3.75 -6.39 28.27
N ALA A 259 2.79 -5.81 28.98
CA ALA A 259 1.45 -6.39 29.15
C ALA A 259 0.75 -6.73 27.84
N VAL A 260 0.86 -5.85 26.85
CA VAL A 260 0.27 -6.10 25.54
C VAL A 260 0.96 -7.29 24.88
N VAL A 261 2.28 -7.23 24.80
CA VAL A 261 3.10 -8.25 24.14
C VAL A 261 2.87 -9.63 24.77
N SER A 262 2.87 -9.67 26.10
CA SER A 262 2.72 -10.90 26.87
C SER A 262 1.30 -11.46 26.75
N SER A 263 0.32 -10.55 26.72
CA SER A 263 -1.07 -10.92 26.60
C SER A 263 -1.37 -11.53 25.23
N VAL A 264 -1.00 -10.83 24.17
CA VAL A 264 -1.27 -11.29 22.80
C VAL A 264 -0.60 -12.65 22.55
N LEU A 265 0.61 -12.83 23.09
CA LEU A 265 1.31 -14.12 23.00
C LEU A 265 0.76 -15.15 23.98
N GLY A 266 -0.04 -14.70 24.94
CA GLY A 266 -0.66 -15.60 25.93
C GLY A 266 0.38 -16.32 26.75
N ALA A 267 1.45 -15.60 27.11
CA ALA A 267 2.56 -16.20 27.82
C ALA A 267 2.89 -15.46 29.11
N THR A 268 3.31 -16.21 30.13
CA THR A 268 3.71 -15.67 31.42
C THR A 268 5.17 -15.97 31.70
N SER A 269 5.93 -14.93 32.05
CA SER A 269 7.37 -15.04 32.32
C SER A 269 7.62 -15.62 33.71
N ILE A 270 8.18 -16.83 33.75
CA ILE A 270 8.44 -17.51 35.03
C ILE A 270 9.94 -17.58 35.37
N GLY A 271 10.77 -17.13 34.44
CA GLY A 271 12.22 -17.07 34.63
C GLY A 271 12.87 -15.98 33.81
N GLU A 272 14.16 -15.76 34.03
CA GLU A 272 14.93 -14.77 33.26
C GLU A 272 15.28 -15.29 31.87
N GLY A 273 15.28 -16.62 31.71
CA GLY A 273 15.74 -17.27 30.49
C GLY A 273 14.74 -17.29 29.35
N PRO A 274 15.23 -17.20 28.10
CA PRO A 274 14.43 -17.20 26.88
C PRO A 274 13.46 -18.38 26.73
N ARG A 275 13.67 -19.44 27.51
CA ARG A 275 12.81 -20.62 27.44
C ARG A 275 11.81 -20.70 28.59
N GLU A 276 12.18 -20.14 29.74
CA GLU A 276 11.34 -20.23 30.95
C GLU A 276 10.09 -19.34 30.90
N VAL A 277 9.02 -19.91 30.36
CA VAL A 277 7.72 -19.24 30.19
C VAL A 277 6.65 -20.27 29.79
N THR A 278 5.46 -20.17 30.39
CA THR A 278 4.33 -21.01 29.99
C THR A 278 3.40 -20.32 29.00
N VAL A 279 3.11 -21.01 27.91
CA VAL A 279 2.28 -20.48 26.83
C VAL A 279 0.88 -21.08 26.90
N ARG A 280 -0.12 -20.24 26.66
CA ARG A 280 -1.47 -20.72 26.37
C ARG A 280 -1.57 -21.07 24.90
N PRO A 281 -1.99 -22.31 24.58
CA PRO A 281 -2.30 -22.64 23.20
C PRO A 281 -3.51 -21.83 22.73
N LEU A 282 -3.36 -21.09 21.65
CA LEU A 282 -4.43 -20.28 21.13
C LEU A 282 -4.46 -20.33 19.62
N ARG A 283 -5.64 -20.61 19.07
CA ARG A 283 -5.85 -20.57 17.63
C ARG A 283 -5.88 -19.10 17.19
N PRO A 284 -5.53 -18.83 15.91
CA PRO A 284 -5.53 -17.47 15.37
C PRO A 284 -6.81 -16.64 15.66
N PRO A 285 -8.02 -17.23 15.52
CA PRO A 285 -9.24 -16.48 15.87
C PRO A 285 -9.32 -16.05 17.33
N GLN A 286 -8.67 -16.81 18.21
CA GLN A 286 -8.65 -16.48 19.63
C GLN A 286 -7.66 -15.37 19.95
N ARG A 287 -6.54 -15.34 19.23
CA ARG A 287 -5.54 -14.28 19.37
C ARG A 287 -6.06 -12.96 18.87
N ALA A 288 -6.84 -13.02 17.79
CA ALA A 288 -7.51 -11.86 17.24
C ALA A 288 -8.28 -11.10 18.33
N ARG A 289 -8.94 -11.82 19.23
CA ARG A 289 -9.74 -11.22 20.29
C ARG A 289 -8.90 -10.39 21.26
N LEU A 290 -7.65 -10.81 21.43
CA LEU A 290 -6.68 -10.07 22.23
C LEU A 290 -6.20 -8.82 21.49
N LEU A 291 -6.02 -8.94 20.18
CA LEU A 291 -5.66 -7.80 19.34
C LEU A 291 -6.73 -6.71 19.37
N GLU A 292 -7.99 -7.11 19.21
CA GLU A 292 -9.12 -6.19 19.18
C GLU A 292 -9.26 -5.48 20.52
N LYS A 293 -9.12 -6.25 21.59
CA LYS A 293 -9.22 -5.73 22.93
C LYS A 293 -8.22 -4.60 23.14
N TRP A 294 -6.95 -4.87 22.84
CA TRP A 294 -5.89 -3.88 23.02
C TRP A 294 -6.04 -2.68 22.07
N ILE A 295 -6.42 -2.93 20.83
CA ILE A 295 -6.74 -1.84 19.90
C ILE A 295 -7.82 -0.92 20.50
N ARG A 296 -8.84 -1.50 21.10
CA ARG A 296 -9.86 -0.70 21.76
C ARG A 296 -9.31 -0.02 23.02
N VAL A 297 -8.50 -0.72 23.81
CA VAL A 297 -7.87 -0.08 24.97
C VAL A 297 -7.09 1.17 24.54
N ALA A 298 -6.32 1.04 23.46
CA ALA A 298 -5.59 2.18 22.90
C ALA A 298 -6.53 3.33 22.56
N GLU A 299 -7.59 3.01 21.79
CA GLU A 299 -8.59 3.99 21.38
C GLU A 299 -9.23 4.72 22.57
N GLU A 300 -9.46 4.00 23.66
CA GLU A 300 -10.05 4.56 24.86
C GLU A 300 -9.07 5.45 25.61
N CYS A 301 -7.78 5.14 25.45
CA CYS A 301 -6.71 5.96 26.01
C CYS A 301 -6.63 7.28 25.24
N ARG A 302 -6.93 7.21 23.94
CA ARG A 302 -6.90 8.38 23.08
C ARG A 302 -8.01 9.36 23.42
N LEU A 303 -9.18 8.84 23.78
CA LEU A 303 -10.31 9.66 24.21
C LEU A 303 -10.09 10.26 25.59
N LEU A 304 -9.27 9.59 26.40
CA LEU A 304 -8.87 10.10 27.70
C LEU A 304 -7.67 11.03 27.57
N ARG A 305 -7.19 11.17 26.34
CA ARG A 305 -5.99 11.96 26.03
C ARG A 305 -4.74 11.49 26.80
N ASN A 306 -4.69 10.19 27.08
CA ASN A 306 -3.49 9.57 27.62
C ASN A 306 -2.64 9.00 26.47
N PHE A 307 -1.75 9.84 25.95
CA PHE A 307 -0.97 9.49 24.76
C PHE A 307 0.21 8.58 25.10
N SER A 308 0.66 8.62 26.34
CA SER A 308 1.73 7.73 26.80
C SER A 308 1.34 6.26 26.61
N SER A 309 0.14 5.89 27.05
CA SER A 309 -0.33 4.50 26.90
C SER A 309 -0.82 4.15 25.49
N VAL A 310 -1.37 5.13 24.78
CA VAL A 310 -1.69 4.94 23.36
C VAL A 310 -0.42 4.48 22.66
N TYR A 311 0.68 5.18 22.91
CA TYR A 311 1.95 4.89 22.25
C TYR A 311 2.60 3.60 22.76
N ALA A 312 2.38 3.27 24.03
CA ALA A 312 2.81 1.98 24.58
C ALA A 312 2.08 0.82 23.90
N VAL A 313 0.76 0.95 23.72
CA VAL A 313 -0.05 -0.13 23.15
C VAL A 313 0.22 -0.29 21.66
N VAL A 314 0.29 0.84 20.96
CA VAL A 314 0.42 0.87 19.50
C VAL A 314 1.80 0.36 19.08
N SER A 315 2.85 0.90 19.69
CA SER A 315 4.20 0.46 19.39
C SER A 315 4.38 -1.00 19.78
N ALA A 316 3.72 -1.42 20.87
CA ALA A 316 3.70 -2.83 21.27
C ALA A 316 2.99 -3.73 20.26
N LEU A 317 1.91 -3.24 19.66
CA LEU A 317 1.24 -4.01 18.61
C LEU A 317 2.07 -4.02 17.33
N GLN A 318 2.87 -2.97 17.12
CA GLN A 318 3.78 -2.89 15.98
C GLN A 318 5.11 -3.56 16.28
N SER A 319 5.30 -3.95 17.53
CA SER A 319 6.49 -4.65 17.99
C SER A 319 6.76 -5.89 17.14
N SER A 320 8.03 -6.23 16.97
CA SER A 320 8.44 -7.28 16.01
C SER A 320 7.89 -8.68 16.31
N PRO A 321 7.80 -9.08 17.60
CA PRO A 321 7.24 -10.41 17.86
C PRO A 321 5.72 -10.52 17.63
N ILE A 322 5.05 -9.39 17.48
CA ILE A 322 3.60 -9.39 17.32
C ILE A 322 3.17 -8.90 15.94
N HIS A 323 4.07 -8.15 15.30
CA HIS A 323 3.89 -7.72 13.92
C HIS A 323 3.81 -8.93 12.98
N ARG A 324 4.64 -9.94 13.27
CA ARG A 324 4.73 -11.16 12.47
C ARG A 324 3.41 -11.91 12.35
N LEU A 325 2.66 -11.96 13.44
CA LEU A 325 1.51 -12.85 13.60
C LEU A 325 0.37 -12.58 12.59
N ARG A 326 0.63 -12.89 11.32
CA ARG A 326 -0.28 -12.56 10.22
C ARG A 326 -1.61 -13.30 10.29
N ALA A 327 -1.56 -14.59 10.62
CA ALA A 327 -2.77 -15.39 10.81
C ALA A 327 -3.73 -14.68 11.77
N ALA A 328 -3.23 -14.36 12.95
CA ALA A 328 -4.01 -13.65 13.97
C ALA A 328 -4.43 -12.26 13.50
N TRP A 329 -3.54 -11.56 12.79
CA TRP A 329 -3.87 -10.25 12.25
C TRP A 329 -4.93 -10.34 11.15
N GLY A 330 -4.94 -11.49 10.47
CA GLY A 330 -5.89 -11.75 9.39
C GLY A 330 -7.25 -12.15 9.91
N GLU A 331 -7.31 -12.57 11.17
CA GLU A 331 -8.57 -12.96 11.80
C GLU A 331 -9.23 -11.81 12.54
N THR A 332 -8.63 -10.63 12.43
CA THR A 332 -9.06 -9.46 13.17
C THR A 332 -10.17 -8.72 12.41
N THR A 333 -11.23 -8.36 13.14
CA THR A 333 -12.29 -7.52 12.60
C THR A 333 -11.75 -6.27 11.91
N ARG A 334 -12.28 -5.98 10.72
CA ARG A 334 -11.77 -4.91 9.88
C ARG A 334 -11.92 -3.51 10.47
N ASP A 335 -12.96 -3.31 11.29
CA ASP A 335 -13.14 -2.02 11.98
C ASP A 335 -12.06 -1.78 13.04
N SER A 336 -11.54 -2.87 13.60
CA SER A 336 -10.43 -2.79 14.54
C SER A 336 -9.14 -2.35 13.84
N LEU A 337 -8.93 -2.89 12.64
CA LEU A 337 -7.76 -2.55 11.82
C LEU A 337 -7.75 -1.09 11.39
N ARG A 338 -8.95 -0.54 11.14
CA ARG A 338 -9.08 0.86 10.76
C ARG A 338 -8.74 1.76 11.92
N VAL A 339 -9.27 1.44 13.10
CA VAL A 339 -8.94 2.15 14.34
C VAL A 339 -7.44 2.02 14.62
N PHE A 340 -6.87 0.86 14.33
CA PHE A 340 -5.44 0.63 14.48
C PHE A 340 -4.61 1.52 13.54
N SER A 341 -5.07 1.68 12.29
CA SER A 341 -4.42 2.57 11.33
C SER A 341 -4.49 4.01 11.79
N SER A 342 -5.70 4.44 12.15
CA SER A 342 -5.98 5.77 12.67
C SER A 342 -5.08 6.14 13.84
N LEU A 343 -4.77 5.15 14.68
CA LEU A 343 -3.88 5.34 15.83
C LEU A 343 -2.39 5.33 15.45
N CYS A 344 -2.04 4.52 14.46
CA CYS A 344 -0.65 4.43 13.98
C CYS A 344 -0.25 5.66 13.19
N GLN A 345 -1.24 6.31 12.58
CA GLN A 345 -1.03 7.52 11.80
C GLN A 345 -0.76 8.73 12.69
N ILE A 346 -1.18 8.63 13.95
CA ILE A 346 -0.87 9.65 14.96
C ILE A 346 0.62 9.58 15.30
N PHE A 347 1.16 8.36 15.35
CA PHE A 347 2.57 8.13 15.65
C PHE A 347 3.30 7.57 14.44
N GLY A 381 -20.81 10.32 30.99
CA GLY A 381 -20.21 10.44 32.32
C GLY A 381 -19.11 11.47 32.40
N PHE A 382 -18.56 11.65 33.60
CA PHE A 382 -17.47 12.59 33.85
C PHE A 382 -16.11 11.84 33.84
N ARG A 383 -15.47 11.80 32.68
CA ARG A 383 -14.23 11.02 32.50
C ARG A 383 -12.97 11.88 32.51
N GLY A 384 -13.02 12.99 33.24
CA GLY A 384 -11.86 13.86 33.44
C GLY A 384 -11.31 14.57 32.22
N GLY A 385 -11.16 15.88 32.33
CA GLY A 385 -10.49 16.69 31.32
C GLY A 385 -9.03 16.78 31.67
N GLY A 386 -8.26 15.79 31.23
CA GLY A 386 -6.83 15.75 31.51
C GLY A 386 -6.01 15.30 30.32
N VAL A 387 -4.71 15.15 30.54
CA VAL A 387 -3.81 14.69 29.50
C VAL A 387 -2.59 14.04 30.15
N VAL A 388 -2.11 12.97 29.53
CA VAL A 388 -0.80 12.43 29.86
C VAL A 388 -0.06 12.34 28.55
N PRO A 389 0.96 13.20 28.36
CA PRO A 389 1.71 13.18 27.12
C PRO A 389 2.68 12.02 27.10
N TYR A 390 3.09 11.62 25.91
CA TYR A 390 4.22 10.72 25.77
C TYR A 390 5.47 11.54 26.04
N LEU A 391 6.03 11.36 27.23
CA LEU A 391 7.33 11.90 27.54
C LEU A 391 8.29 11.06 26.72
N GLY A 392 9.27 11.68 26.09
CA GLY A 392 10.14 10.95 25.18
C GLY A 392 10.38 11.86 24.00
N THR A 393 9.30 12.43 23.50
CA THR A 393 9.36 13.55 22.57
C THR A 393 10.02 14.71 23.29
N PHE A 394 9.61 14.92 24.55
CA PHE A 394 10.19 15.96 25.39
C PHE A 394 11.64 15.64 25.72
N LEU A 395 11.90 14.41 26.16
CA LEU A 395 13.25 13.97 26.49
C LEU A 395 14.19 14.09 25.28
N LYS A 396 13.71 13.67 24.11
CA LYS A 396 14.42 13.84 22.85
C LYS A 396 14.79 15.31 22.63
N ASP A 397 13.79 16.18 22.72
CA ASP A 397 13.97 17.62 22.52
C ASP A 397 14.99 18.22 23.48
N LEU A 398 14.94 17.82 24.74
CA LEU A 398 15.85 18.32 25.75
C LEU A 398 17.28 17.80 25.59
N VAL A 399 17.42 16.53 25.24
CA VAL A 399 18.71 15.90 24.97
C VAL A 399 19.41 16.54 23.78
N MET A 400 18.66 16.78 22.71
CA MET A 400 19.20 17.42 21.51
C MET A 400 19.53 18.88 21.76
N LEU A 401 18.74 19.51 22.63
CA LEU A 401 18.95 20.90 22.99
C LEU A 401 20.21 21.06 23.84
N ASP A 402 20.52 20.04 24.63
CA ASP A 402 21.70 20.05 25.48
C ASP A 402 22.97 19.90 24.64
N ALA A 403 22.86 19.17 23.54
CA ALA A 403 24.00 18.91 22.66
C ALA A 403 24.19 19.98 21.57
N ALA A 404 23.13 20.74 21.30
CA ALA A 404 23.16 21.77 20.25
C ALA A 404 23.75 23.10 20.72
N SER A 405 23.61 23.38 22.02
CA SER A 405 24.14 24.62 22.61
C SER A 405 25.13 24.33 23.74
N LYS A 406 26.08 25.25 23.91
CA LYS A 406 27.16 25.08 24.88
C LYS A 406 26.77 25.54 26.28
N ASP A 407 27.30 24.83 27.28
CA ASP A 407 27.05 25.17 28.69
C ASP A 407 27.61 26.55 29.04
N GLU A 408 28.84 26.80 28.59
CA GLU A 408 29.54 28.03 28.90
C GLU A 408 30.17 28.65 27.66
N LEU A 409 30.24 29.98 27.64
CA LEU A 409 30.92 30.72 26.57
C LEU A 409 32.43 30.69 26.78
N GLU A 410 33.19 31.11 25.76
CA GLU A 410 34.65 31.07 25.77
C GLU A 410 35.29 31.73 27.00
N ASN A 411 34.68 32.82 27.46
CA ASN A 411 35.13 33.56 28.64
C ASN A 411 34.84 32.86 29.97
N GLY A 412 34.22 31.67 29.90
CA GLY A 412 33.85 30.92 31.10
C GLY A 412 32.51 31.33 31.69
N TYR A 413 31.81 32.25 31.03
CA TYR A 413 30.47 32.68 31.44
C TYR A 413 29.46 31.57 31.16
N ILE A 414 28.54 31.34 32.09
CA ILE A 414 27.45 30.39 31.90
C ILE A 414 26.50 30.90 30.81
N ASN A 415 26.33 30.11 29.76
CA ASN A 415 25.44 30.45 28.65
C ASN A 415 23.98 30.33 29.09
N PHE A 416 23.41 31.43 29.58
CA PHE A 416 22.06 31.40 30.10
C PHE A 416 20.98 31.37 29.02
N ASP A 417 21.38 31.56 27.77
CA ASP A 417 20.43 31.48 26.66
C ASP A 417 19.95 30.06 26.42
N LYS A 418 20.84 29.10 26.67
CA LYS A 418 20.54 27.68 26.56
C LYS A 418 19.44 27.31 27.55
N ARG A 419 19.62 27.75 28.80
CA ARG A 419 18.67 27.49 29.89
C ARG A 419 17.29 28.08 29.58
N ARG A 420 17.26 29.19 28.86
CA ARG A 420 16.02 29.83 28.46
C ARG A 420 15.23 28.95 27.49
N LYS A 421 15.96 28.34 26.55
CA LYS A 421 15.36 27.40 25.62
C LYS A 421 14.89 26.15 26.37
N GLU A 422 15.70 25.69 27.32
CA GLU A 422 15.37 24.55 28.18
C GLU A 422 14.10 24.78 28.99
N PHE A 423 14.04 25.91 29.69
CA PHE A 423 12.91 26.26 30.55
C PHE A 423 11.59 26.46 29.80
N ALA A 424 11.68 26.83 28.52
CA ALA A 424 10.50 27.01 27.69
C ALA A 424 9.81 25.68 27.47
N ILE A 425 10.63 24.63 27.29
CA ILE A 425 10.13 23.26 27.14
C ILE A 425 9.63 22.73 28.49
N LEU A 426 10.38 23.02 29.56
CA LEU A 426 9.97 22.66 30.90
C LEU A 426 8.68 23.36 31.31
N SER A 427 8.41 24.51 30.70
CA SER A 427 7.18 25.25 30.95
C SER A 427 5.99 24.53 30.36
N GLU A 428 6.17 23.93 29.20
CA GLU A 428 5.08 23.27 28.50
C GLU A 428 4.60 22.02 29.23
N LEU A 429 5.52 21.29 29.85
CA LEU A 429 5.10 20.13 30.63
C LEU A 429 4.55 20.51 32.01
N LEU A 430 4.83 21.74 32.43
CA LEU A 430 4.22 22.32 33.63
C LEU A 430 2.75 22.62 33.41
N ARG A 431 2.42 23.18 32.25
CA ARG A 431 1.03 23.48 31.93
C ARG A 431 0.24 22.20 31.69
N LEU A 432 0.89 21.22 31.07
CA LEU A 432 0.32 19.89 30.89
C LEU A 432 0.06 19.20 32.25
N GLN A 433 0.97 19.41 33.20
CA GLN A 433 0.78 18.89 34.55
C GLN A 433 -0.47 19.47 35.22
N LYS A 434 -0.69 20.77 35.01
CA LYS A 434 -1.84 21.45 35.61
C LYS A 434 -3.13 21.01 34.93
N GLU A 435 -3.05 20.80 33.62
CA GLU A 435 -4.16 20.26 32.83
C GLU A 435 -4.50 18.84 33.30
N CYS A 436 -3.47 18.03 33.53
CA CYS A 436 -3.58 16.65 34.02
C CYS A 436 -4.39 16.56 35.31
N ARG A 437 -4.34 17.62 36.13
CA ARG A 437 -5.05 17.66 37.41
C ARG A 437 -6.57 17.77 37.24
N GLY A 438 -7.01 17.99 36.01
CA GLY A 438 -8.43 18.03 35.68
C GLY A 438 -9.08 16.67 35.50
N TYR A 439 -8.26 15.61 35.52
CA TYR A 439 -8.71 14.22 35.41
C TYR A 439 -9.64 13.81 36.54
N ASP A 440 -10.74 13.17 36.16
CA ASP A 440 -11.66 12.55 37.08
C ASP A 440 -11.68 11.06 36.76
N LEU A 441 -10.74 10.33 37.37
CA LEU A 441 -10.59 8.90 37.15
C LEU A 441 -10.79 8.14 38.46
N ARG A 442 -11.64 7.12 38.42
CA ARG A 442 -11.95 6.33 39.62
C ARG A 442 -11.14 5.04 39.64
N PRO A 443 -10.48 4.74 40.78
CA PRO A 443 -9.70 3.51 40.93
C PRO A 443 -10.55 2.24 40.90
N ASN A 444 -9.99 1.20 40.27
CA ASN A 444 -10.61 -0.11 40.19
C ASN A 444 -9.64 -1.16 40.74
N SER A 445 -9.89 -1.62 41.96
CA SER A 445 -8.93 -2.47 42.66
C SER A 445 -8.72 -3.85 42.04
N ASP A 446 -9.71 -4.33 41.27
CA ASP A 446 -9.60 -5.63 40.57
C ASP A 446 -8.67 -5.57 39.38
N ILE A 447 -8.76 -4.50 38.60
CA ILE A 447 -7.84 -4.28 37.48
C ILE A 447 -6.45 -3.95 38.03
N GLN A 448 -6.42 -3.22 39.15
CA GLN A 448 -5.17 -2.83 39.77
C GLN A 448 -4.33 -4.00 40.28
N GLN A 449 -4.97 -4.98 40.92
CA GLN A 449 -4.23 -6.13 41.42
C GLN A 449 -3.88 -7.10 40.30
N TRP A 450 -4.66 -7.07 39.22
CA TRP A 450 -4.35 -7.85 38.03
C TRP A 450 -3.04 -7.35 37.41
N LEU A 451 -2.93 -6.03 37.25
CA LEU A 451 -1.74 -5.39 36.71
C LEU A 451 -0.49 -5.65 37.56
N GLN A 452 -0.64 -5.54 38.88
CA GLN A 452 0.47 -5.72 39.82
C GLN A 452 1.01 -7.15 39.87
N GLY A 453 0.20 -8.12 39.44
CA GLY A 453 0.60 -9.52 39.44
C GLY A 453 1.02 -9.98 38.05
N LEU A 454 1.19 -9.02 37.15
CA LEU A 454 1.50 -9.30 35.77
C LEU A 454 3.00 -9.38 35.58
N GLN A 455 3.46 -10.52 35.06
CA GLN A 455 4.89 -10.77 34.84
C GLN A 455 5.19 -10.72 33.34
N PRO A 456 5.70 -9.58 32.85
CA PRO A 456 5.94 -9.38 31.43
C PRO A 456 7.15 -10.17 30.91
N LEU A 457 7.09 -10.57 29.64
CA LEU A 457 8.19 -11.27 28.98
C LEU A 457 9.32 -10.32 28.58
N THR A 458 10.54 -10.84 28.63
CA THR A 458 11.70 -10.12 28.10
C THR A 458 11.65 -10.16 26.57
N GLU A 459 12.39 -9.27 25.94
CA GLU A 459 12.46 -9.20 24.48
C GLU A 459 12.91 -10.54 23.87
N ALA A 460 13.80 -11.23 24.57
CA ALA A 460 14.29 -12.55 24.16
C ALA A 460 13.21 -13.61 24.30
N GLN A 461 12.44 -13.53 25.38
CA GLN A 461 11.34 -14.46 25.61
C GLN A 461 10.21 -14.28 24.60
N SER A 462 9.89 -13.03 24.28
CA SER A 462 8.78 -12.73 23.38
C SER A 462 9.06 -13.18 21.94
N HIS A 463 10.32 -13.09 21.52
CA HIS A 463 10.75 -13.50 20.18
C HIS A 463 10.73 -15.02 20.01
N ARG A 464 11.01 -15.74 21.09
CA ARG A 464 11.02 -17.20 21.09
C ARG A 464 9.59 -17.76 21.04
N VAL A 465 8.71 -17.16 21.83
CA VAL A 465 7.31 -17.58 21.90
C VAL A 465 6.56 -17.28 20.59
N SER A 466 6.83 -16.11 20.02
CA SER A 466 6.24 -15.72 18.73
C SER A 466 6.51 -16.75 17.64
N CYS A 467 7.75 -17.26 17.60
CA CYS A 467 8.15 -18.28 16.64
C CYS A 467 7.48 -19.64 16.91
N GLU A 468 7.33 -19.99 18.18
CA GLU A 468 6.63 -21.23 18.55
C GLU A 468 5.12 -21.13 18.36
N VAL A 469 4.61 -19.91 18.24
CA VAL A 469 3.18 -19.66 18.11
C VAL A 469 2.74 -19.55 16.63
N GLU A 470 3.47 -18.74 15.86
CA GLU A 470 3.23 -18.65 14.42
C GLU A 470 4.56 -18.79 13.67
N PRO A 471 4.96 -20.04 13.39
CA PRO A 471 6.24 -20.38 12.75
C PRO A 471 6.41 -19.78 11.35
N PRO A 472 7.66 -19.47 10.97
CA PRO A 472 7.94 -18.95 9.62
C PRO A 472 7.64 -19.99 8.54
N GLY A 473 7.20 -19.50 7.38
CA GLY A 473 6.84 -20.37 6.25
C GLY A 473 7.79 -20.17 5.08
N ALA B 12 -20.75 25.65 -38.70
CA ALA B 12 -20.20 26.62 -39.70
C ALA B 12 -18.74 26.32 -40.04
N SER B 13 -17.93 26.11 -39.00
CA SER B 13 -16.50 25.84 -39.15
C SER B 13 -15.96 24.92 -38.06
N VAL B 14 -15.11 23.98 -38.45
CA VAL B 14 -14.48 23.04 -37.53
C VAL B 14 -12.96 23.24 -37.57
N SER B 15 -12.36 23.35 -36.39
CA SER B 15 -10.92 23.51 -36.27
C SER B 15 -10.33 22.42 -35.38
N VAL B 16 -9.26 21.81 -35.85
CA VAL B 16 -8.64 20.68 -35.14
C VAL B 16 -7.13 20.89 -35.03
N TRP B 17 -6.64 20.95 -33.81
CA TRP B 17 -5.22 21.24 -33.54
C TRP B 17 -4.67 20.47 -32.35
N ASP B 18 -3.39 20.10 -32.43
CA ASP B 18 -2.74 19.29 -31.41
C ASP B 18 -2.06 20.13 -30.33
N GLU B 19 -1.73 19.47 -29.22
CA GLU B 19 -1.06 20.11 -28.09
C GLU B 19 0.00 19.17 -27.50
N GLU B 20 0.78 19.68 -26.55
CA GLU B 20 1.80 18.89 -25.86
C GLU B 20 1.80 19.22 -24.37
N GLU B 21 2.25 18.27 -23.56
CA GLU B 21 2.50 18.50 -22.12
C GLU B 21 3.71 17.69 -21.64
N ASP B 22 3.98 17.75 -20.33
CA ASP B 22 5.15 17.09 -19.74
C ASP B 22 5.20 15.58 -20.00
N GLY B 23 4.02 14.96 -20.03
CA GLY B 23 3.92 13.53 -20.29
C GLY B 23 2.72 13.12 -21.12
N ALA B 24 2.06 14.08 -21.75
CA ALA B 24 0.82 13.83 -22.47
C ALA B 24 0.67 14.60 -23.80
N THR B 25 -0.18 14.07 -24.67
CA THR B 25 -0.51 14.69 -25.96
C THR B 25 -2.02 14.78 -26.12
N PHE B 26 -2.51 15.97 -26.49
CA PHE B 26 -3.94 16.23 -26.61
C PHE B 26 -4.33 16.70 -28.01
N THR B 27 -5.55 16.36 -28.41
CA THR B 27 -6.14 16.89 -29.63
C THR B 27 -7.37 17.71 -29.25
N VAL B 28 -7.37 18.98 -29.66
CA VAL B 28 -8.53 19.83 -29.49
C VAL B 28 -9.33 19.82 -30.79
N THR B 29 -10.62 19.56 -30.68
CA THR B 29 -11.52 19.75 -31.80
C THR B 29 -12.66 20.66 -31.36
N SER B 30 -12.69 21.87 -31.93
CA SER B 30 -13.72 22.85 -31.60
C SER B 30 -14.63 23.12 -32.81
N ARG B 31 -15.92 22.83 -32.64
CA ARG B 31 -16.91 23.05 -33.69
C ARG B 31 -17.85 24.21 -33.33
N GLN B 32 -17.76 25.28 -34.11
CA GLN B 32 -18.62 26.44 -33.96
C GLN B 32 -19.90 26.24 -34.76
N TYR B 33 -21.03 26.23 -34.06
CA TYR B 33 -22.32 26.08 -34.70
C TYR B 33 -22.99 27.42 -34.91
N ARG B 34 -23.72 27.53 -36.02
CA ARG B 34 -24.57 28.68 -36.33
C ARG B 34 -25.61 28.85 -35.21
N PRO B 35 -25.80 30.09 -34.74
CA PRO B 35 -26.76 30.36 -33.65
C PRO B 35 -28.21 30.03 -34.01
N LEU B 36 -29.05 29.81 -32.99
CA LEU B 36 -30.46 29.47 -33.16
C LEU B 36 -31.20 30.62 -33.86
N ASP B 37 -30.98 31.83 -33.37
CA ASP B 37 -31.42 33.05 -34.06
C ASP B 37 -30.31 33.46 -35.03
N PRO B 38 -30.61 33.53 -36.34
CA PRO B 38 -29.57 33.84 -37.35
C PRO B 38 -28.92 35.21 -37.17
N LEU B 39 -29.57 36.10 -36.42
CA LEU B 39 -29.07 37.46 -36.21
C LEU B 39 -28.43 37.65 -34.83
N ALA B 40 -28.21 36.53 -34.13
CA ALA B 40 -27.64 36.56 -32.79
C ALA B 40 -26.11 36.41 -32.80
N PRO B 41 -25.43 36.73 -31.67
CA PRO B 41 -23.99 36.47 -31.54
C PRO B 41 -23.67 34.99 -31.66
N LEU B 42 -22.45 34.67 -32.05
CA LEU B 42 -22.01 33.28 -32.14
C LEU B 42 -22.05 32.64 -30.75
N PRO B 43 -22.76 31.50 -30.64
CA PRO B 43 -22.81 30.76 -29.38
C PRO B 43 -21.44 30.18 -29.06
N PRO B 44 -21.21 29.81 -27.79
CA PRO B 44 -19.95 29.14 -27.43
C PRO B 44 -19.66 27.95 -28.35
N PRO B 45 -18.45 27.91 -28.95
CA PRO B 45 -18.07 26.76 -29.76
C PRO B 45 -18.01 25.50 -28.91
N ARG B 46 -18.46 24.38 -29.47
CA ARG B 46 -18.39 23.09 -28.77
C ARG B 46 -17.00 22.49 -28.95
N SER B 47 -16.25 22.43 -27.86
CA SER B 47 -14.86 21.97 -27.88
C SER B 47 -14.67 20.71 -27.04
N SER B 48 -13.65 19.93 -27.39
CA SER B 48 -13.32 18.71 -26.66
C SER B 48 -11.81 18.46 -26.69
N ARG B 49 -11.18 18.60 -25.52
CA ARG B 49 -9.75 18.37 -25.38
C ARG B 49 -9.51 16.90 -25.03
N ARG B 50 -9.36 16.09 -26.07
CA ARG B 50 -9.28 14.64 -25.95
C ARG B 50 -7.83 14.15 -25.89
N LEU B 51 -7.48 13.45 -24.80
CA LEU B 51 -6.14 12.87 -24.65
C LEU B 51 -5.87 11.83 -25.71
N ARG B 52 -4.66 11.85 -26.25
CA ARG B 52 -4.29 10.95 -27.33
C ARG B 52 -3.22 9.95 -26.89
N ALA B 53 -2.22 10.44 -26.18
CA ALA B 53 -1.13 9.60 -25.67
C ALA B 53 -0.58 10.17 -24.37
N GLY B 54 0.17 9.35 -23.65
CA GLY B 54 0.80 9.80 -22.42
C GLY B 54 1.33 8.71 -21.51
N THR B 55 2.16 9.09 -20.56
CA THR B 55 2.62 8.20 -19.50
C THR B 55 1.46 7.88 -18.57
N LEU B 56 1.55 6.76 -17.87
CA LEU B 56 0.50 6.37 -16.94
C LEU B 56 0.27 7.43 -15.86
N GLU B 57 1.34 8.10 -15.45
CA GLU B 57 1.24 9.20 -14.48
C GLU B 57 0.40 10.34 -15.05
N ALA B 58 0.66 10.69 -16.30
CA ALA B 58 -0.09 11.75 -17.01
C ALA B 58 -1.57 11.40 -17.17
N LEU B 59 -1.86 10.12 -17.45
CA LEU B 59 -3.23 9.61 -17.53
C LEU B 59 -4.01 9.82 -16.24
N VAL B 60 -3.34 9.59 -15.12
CA VAL B 60 -3.93 9.84 -13.80
C VAL B 60 -4.15 11.34 -13.54
N ARG B 61 -3.20 12.18 -13.98
CA ARG B 61 -3.38 13.63 -13.92
C ARG B 61 -4.65 14.03 -14.67
N HIS B 62 -4.75 13.56 -15.91
CA HIS B 62 -5.92 13.83 -16.75
C HIS B 62 -7.19 13.22 -16.17
N LEU B 63 -7.05 12.04 -15.54
CA LEU B 63 -8.15 11.36 -14.87
C LEU B 63 -8.71 12.19 -13.72
N LEU B 64 -7.82 12.84 -12.97
CA LEU B 64 -8.21 13.57 -11.76
C LEU B 64 -8.46 15.07 -11.98
N ASP B 65 -8.45 15.47 -13.25
CA ASP B 65 -8.71 16.86 -13.63
C ASP B 65 -10.22 17.08 -13.77
N ALA B 66 -10.74 18.09 -13.07
CA ALA B 66 -12.16 18.41 -13.08
C ALA B 66 -12.71 18.77 -14.47
N ARG B 67 -11.81 19.21 -15.35
CA ARG B 67 -12.15 19.57 -16.73
C ARG B 67 -12.47 18.36 -17.60
N THR B 68 -11.93 17.18 -17.23
CA THR B 68 -12.01 15.97 -18.06
C THR B 68 -13.44 15.46 -18.26
N ALA B 69 -14.24 15.50 -17.20
CA ALA B 69 -15.63 15.06 -17.24
C ALA B 69 -16.42 15.68 -18.39
N GLY B 70 -16.13 16.96 -18.70
CA GLY B 70 -16.82 17.68 -19.78
C GLY B 70 -16.05 17.81 -21.08
N ALA B 71 -14.72 17.89 -21.01
CA ALA B 71 -13.88 18.07 -22.20
C ALA B 71 -13.53 16.76 -22.90
N ASP B 72 -13.46 15.68 -22.14
CA ASP B 72 -13.13 14.35 -22.65
C ASP B 72 -13.95 13.36 -21.85
N MET B 73 -15.26 13.42 -22.05
CA MET B 73 -16.24 12.71 -21.21
C MET B 73 -16.10 11.20 -21.23
N MET B 74 -15.54 10.66 -22.30
CA MET B 74 -15.38 9.21 -22.40
C MET B 74 -13.96 8.71 -22.16
N PHE B 75 -13.13 9.56 -21.54
CA PHE B 75 -11.79 9.16 -21.11
C PHE B 75 -11.84 8.30 -19.84
N THR B 76 -12.56 8.77 -18.83
CA THR B 76 -12.66 8.09 -17.53
C THR B 76 -13.13 6.63 -17.64
N PRO B 77 -14.34 6.39 -18.22
CA PRO B 77 -14.79 5.02 -18.42
C PRO B 77 -13.86 4.17 -19.29
N ALA B 78 -13.27 4.78 -20.31
CA ALA B 78 -12.33 4.10 -21.20
C ALA B 78 -11.07 3.65 -20.45
N LEU B 79 -10.53 4.55 -19.63
CA LEU B 79 -9.37 4.25 -18.80
C LEU B 79 -9.71 3.12 -17.84
N LEU B 80 -10.77 3.31 -17.06
CA LEU B 80 -11.17 2.35 -16.03
C LEU B 80 -11.52 0.97 -16.57
N ALA B 81 -12.09 0.91 -17.77
CA ALA B 81 -12.50 -0.35 -18.37
C ALA B 81 -11.34 -1.13 -18.98
N THR B 82 -10.34 -0.41 -19.48
CA THR B 82 -9.26 -1.02 -20.27
C THR B 82 -7.91 -1.11 -19.56
N HIS B 83 -7.82 -0.51 -18.37
CA HIS B 83 -6.53 -0.34 -17.68
C HIS B 83 -5.75 -1.63 -17.41
N ARG B 84 -6.48 -2.74 -17.28
CA ARG B 84 -5.85 -4.03 -17.00
C ARG B 84 -5.01 -4.55 -18.17
N ALA B 85 -5.12 -3.91 -19.33
CA ALA B 85 -4.32 -4.29 -20.49
C ALA B 85 -2.91 -3.70 -20.44
N PHE B 86 -2.75 -2.54 -19.81
CA PHE B 86 -1.45 -1.89 -19.72
C PHE B 86 -0.87 -1.75 -18.30
N THR B 87 -1.73 -1.87 -17.28
CA THR B 87 -1.30 -1.77 -15.88
C THR B 87 -2.09 -2.70 -14.95
N SER B 88 -2.06 -2.41 -13.65
CA SER B 88 -2.79 -3.19 -12.65
C SER B 88 -3.66 -2.30 -11.77
N THR B 89 -4.74 -2.87 -11.26
CA THR B 89 -5.67 -2.17 -10.35
C THR B 89 -4.99 -1.52 -9.12
N PRO B 90 -4.09 -2.25 -8.43
CA PRO B 90 -3.44 -1.59 -7.29
C PRO B 90 -2.58 -0.39 -7.71
N ALA B 91 -1.92 -0.48 -8.85
CA ALA B 91 -1.10 0.61 -9.38
C ALA B 91 -1.91 1.87 -9.68
N LEU B 92 -3.03 1.71 -10.37
CA LEU B 92 -3.90 2.83 -10.73
C LEU B 92 -4.51 3.50 -9.50
N PHE B 93 -4.99 2.69 -8.56
CA PHE B 93 -5.46 3.18 -7.27
C PHE B 93 -4.30 3.88 -6.57
N GLY B 94 -3.13 3.24 -6.60
CA GLY B 94 -1.93 3.75 -5.97
C GLY B 94 -1.60 5.15 -6.44
N LEU B 95 -1.53 5.32 -7.76
CA LEU B 95 -1.23 6.61 -8.37
C LEU B 95 -2.28 7.67 -8.06
N VAL B 96 -3.52 7.25 -7.87
CA VAL B 96 -4.59 8.16 -7.44
C VAL B 96 -4.34 8.61 -5.99
N ALA B 97 -3.83 7.69 -5.18
CA ALA B 97 -3.45 8.03 -3.80
C ALA B 97 -2.11 8.78 -3.77
N ASP B 98 -1.26 8.51 -4.77
CA ASP B 98 -0.01 9.25 -4.97
C ASP B 98 -0.30 10.72 -5.25
N ARG B 99 -1.18 10.96 -6.23
CA ARG B 99 -1.54 12.30 -6.65
C ARG B 99 -2.22 13.06 -5.51
N LEU B 100 -3.10 12.38 -4.78
CA LEU B 100 -3.85 13.00 -3.69
C LEU B 100 -2.99 13.41 -2.49
N GLU B 101 -2.07 12.52 -2.11
CA GLU B 101 -1.15 12.80 -1.00
C GLU B 101 -0.15 13.91 -1.35
N ALA B 102 0.19 14.01 -2.63
CA ALA B 102 1.07 15.07 -3.14
C ALA B 102 0.40 16.44 -3.08
N LEU B 103 -0.93 16.46 -3.01
CA LEU B 103 -1.70 17.70 -2.96
C LEU B 103 -2.09 18.12 -1.54
N GLU B 104 -1.60 17.40 -0.54
CA GLU B 104 -1.86 17.72 0.87
C GLU B 104 -1.27 19.08 1.23
N SER B 105 -0.04 19.31 0.79
CA SER B 105 0.69 20.55 1.05
C SER B 105 0.12 21.75 0.27
N TYR B 106 -0.57 21.46 -0.84
CA TYR B 106 -1.24 22.47 -1.67
C TYR B 106 -2.25 23.30 -0.88
N PRO B 107 -2.61 24.49 -1.42
CA PRO B 107 -3.72 25.26 -0.87
C PRO B 107 -5.00 24.41 -0.87
N PRO B 108 -5.85 24.58 0.16
CA PRO B 108 -6.97 23.66 0.42
C PRO B 108 -8.02 23.57 -0.70
N GLY B 109 -8.12 24.62 -1.51
CA GLY B 109 -9.11 24.69 -2.59
C GLY B 109 -8.77 23.81 -3.78
N GLU B 110 -7.48 23.67 -4.06
CA GLU B 110 -7.02 22.77 -5.11
C GLU B 110 -7.01 21.33 -4.61
N LEU B 111 -6.85 21.16 -3.30
CA LEU B 111 -6.92 19.86 -2.67
C LEU B 111 -8.36 19.34 -2.68
N GLU B 112 -9.32 20.24 -2.45
CA GLU B 112 -10.72 19.84 -2.35
C GLU B 112 -11.36 19.47 -3.70
N ARG B 113 -11.09 20.26 -4.74
CA ARG B 113 -11.67 19.99 -6.06
C ARG B 113 -11.19 18.66 -6.64
N THR B 114 -9.90 18.36 -6.46
CA THR B 114 -9.32 17.11 -6.92
C THR B 114 -9.77 15.92 -6.07
N THR B 115 -9.84 16.10 -4.76
CA THR B 115 -10.41 15.09 -3.87
C THR B 115 -11.84 14.77 -4.31
N GLY B 116 -12.61 15.83 -4.56
CA GLY B 116 -13.97 15.71 -5.07
C GLY B 116 -14.07 14.92 -6.36
N VAL B 117 -13.10 15.12 -7.24
CA VAL B 117 -13.00 14.38 -8.50
C VAL B 117 -12.61 12.93 -8.25
N ALA B 118 -11.63 12.74 -7.35
CA ALA B 118 -11.18 11.40 -6.97
C ALA B 118 -12.33 10.58 -6.40
N ILE B 119 -13.11 11.20 -5.51
CA ILE B 119 -14.32 10.59 -4.99
C ILE B 119 -15.24 10.15 -6.15
N SER B 120 -15.52 11.08 -7.05
CA SER B 120 -16.40 10.83 -8.20
C SER B 120 -15.88 9.73 -9.14
N VAL B 121 -14.56 9.63 -9.29
CA VAL B 121 -13.94 8.65 -10.18
C VAL B 121 -14.00 7.25 -9.58
N LEU B 122 -13.70 7.14 -8.30
CA LEU B 122 -13.65 5.85 -7.62
C LEU B 122 -15.04 5.24 -7.47
N SER B 123 -16.04 6.08 -7.22
CA SER B 123 -17.42 5.61 -7.15
C SER B 123 -18.00 5.25 -8.51
N THR B 124 -17.45 5.84 -9.57
CA THR B 124 -17.79 5.41 -10.93
C THR B 124 -17.16 4.05 -11.20
N TRP B 125 -15.92 3.90 -10.76
CA TRP B 125 -15.13 2.68 -10.95
C TRP B 125 -15.74 1.51 -10.16
N LEU B 126 -16.11 1.78 -8.92
CA LEU B 126 -16.71 0.79 -8.05
C LEU B 126 -18.07 0.31 -8.57
N ALA B 127 -18.87 1.23 -9.08
CA ALA B 127 -20.19 0.91 -9.64
C ALA B 127 -20.10 0.11 -10.94
N SER B 128 -19.08 0.42 -11.74
CA SER B 128 -18.90 -0.18 -13.06
C SER B 128 -18.12 -1.49 -13.02
N HIS B 129 -17.08 -1.55 -12.19
CA HIS B 129 -16.24 -2.74 -12.12
C HIS B 129 -15.93 -3.17 -10.68
N PRO B 130 -16.96 -3.64 -9.93
CA PRO B 130 -16.73 -4.05 -8.54
C PRO B 130 -15.69 -5.15 -8.41
N GLU B 131 -15.67 -6.06 -9.38
CA GLU B 131 -14.74 -7.20 -9.39
C GLU B 131 -13.25 -6.82 -9.48
N ASP B 132 -12.99 -5.54 -9.76
CA ASP B 132 -11.59 -5.05 -9.78
C ASP B 132 -11.06 -4.87 -8.36
N PHE B 133 -11.96 -4.51 -7.44
CA PHE B 133 -11.60 -4.15 -6.08
C PHE B 133 -11.48 -5.37 -5.19
N GLY B 134 -10.40 -6.13 -5.40
CA GLY B 134 -10.17 -7.38 -4.69
C GLY B 134 -9.51 -7.19 -3.33
N SER B 135 -8.56 -8.08 -3.04
CA SER B 135 -7.84 -8.08 -1.76
C SER B 135 -6.52 -7.34 -1.94
N GLU B 136 -6.08 -7.25 -3.19
CA GLU B 136 -4.85 -6.58 -3.58
C GLU B 136 -4.80 -5.11 -3.13
N VAL B 137 -5.98 -4.49 -3.05
CA VAL B 137 -6.07 -3.04 -2.79
C VAL B 137 -6.38 -2.69 -1.32
N LYS B 138 -5.93 -3.52 -0.38
CA LYS B 138 -6.18 -3.29 1.04
C LYS B 138 -5.42 -2.06 1.57
N GLY B 139 -4.13 -1.95 1.23
CA GLY B 139 -3.30 -0.85 1.69
C GLY B 139 -3.71 0.50 1.11
N GLN B 140 -4.16 0.47 -0.15
CA GLN B 140 -4.57 1.66 -0.87
C GLN B 140 -5.86 2.29 -0.34
N LEU B 141 -6.81 1.44 0.06
CA LEU B 141 -8.06 1.92 0.68
C LEU B 141 -7.78 2.56 2.03
N ASP B 142 -6.84 1.97 2.77
CA ASP B 142 -6.36 2.53 4.04
C ASP B 142 -5.62 3.85 3.81
N ARG B 143 -4.83 3.88 2.74
CA ARG B 143 -4.10 5.08 2.31
C ARG B 143 -5.06 6.23 1.99
N LEU B 144 -6.14 5.90 1.30
CA LEU B 144 -7.22 6.83 1.00
C LEU B 144 -8.05 7.18 2.25
N GLU B 145 -8.17 6.21 3.16
CA GLU B 145 -8.92 6.38 4.41
C GLU B 145 -8.22 7.39 5.32
N SER B 146 -6.92 7.20 5.51
CA SER B 146 -6.11 8.11 6.32
C SER B 146 -6.10 9.51 5.71
N PHE B 147 -5.99 9.57 4.38
CA PHE B 147 -6.01 10.81 3.62
C PHE B 147 -7.25 11.67 3.92
N LEU B 148 -8.40 11.01 4.03
CA LEU B 148 -9.68 11.72 4.20
C LEU B 148 -9.90 12.35 5.57
N LEU B 149 -9.23 11.82 6.60
CA LEU B 149 -9.27 12.42 7.94
C LEU B 149 -8.13 13.40 8.14
N ARG B 150 -6.94 13.01 7.65
CA ARG B 150 -5.74 13.85 7.70
C ARG B 150 -5.98 15.20 7.01
N THR B 151 -6.91 15.24 6.06
CA THR B 151 -7.29 16.48 5.39
C THR B 151 -8.68 16.96 5.83
N GLY B 152 -9.36 16.13 6.64
CA GLY B 152 -10.67 16.46 7.18
C GLY B 152 -11.73 16.75 6.12
N TYR B 153 -11.78 15.89 5.10
CA TYR B 153 -12.72 16.06 3.99
C TYR B 153 -14.16 15.73 4.40
N GLY B 162 -20.64 12.30 -0.76
CA GLY B 162 -20.40 10.95 -1.27
C GLY B 162 -19.19 10.27 -0.67
N SER B 163 -18.53 10.95 0.26
CA SER B 163 -17.30 10.46 0.90
C SER B 163 -17.55 9.23 1.78
N ALA B 164 -18.52 9.34 2.68
CA ALA B 164 -18.95 8.21 3.52
C ALA B 164 -19.58 7.10 2.68
N ASP B 165 -20.32 7.48 1.63
CA ASP B 165 -20.91 6.54 0.68
C ASP B 165 -19.84 5.62 0.08
N LEU B 166 -18.78 6.23 -0.46
CA LEU B 166 -17.70 5.49 -1.13
C LEU B 166 -16.88 4.63 -0.18
N ILE B 167 -16.69 5.10 1.06
CA ILE B 167 -15.95 4.35 2.06
C ILE B 167 -16.71 3.09 2.50
N ARG B 168 -18.01 3.24 2.75
CA ARG B 168 -18.88 2.10 3.07
C ARG B 168 -18.84 1.03 1.98
N ASN B 169 -19.07 1.43 0.74
CA ASN B 169 -19.20 0.51 -0.39
C ASN B 169 -17.89 -0.17 -0.81
N LEU B 170 -16.76 0.44 -0.47
CA LEU B 170 -15.46 -0.14 -0.77
C LEU B 170 -15.03 -1.20 0.24
N ARG B 171 -15.46 -1.05 1.48
CA ARG B 171 -15.13 -1.99 2.56
C ARG B 171 -15.74 -3.37 2.30
N PRO B 192 -26.16 -40.90 -14.99
CA PRO B 192 -25.73 -40.80 -16.38
C PRO B 192 -26.92 -40.59 -17.32
N ALA B 193 -27.05 -39.39 -17.87
CA ALA B 193 -28.25 -38.99 -18.62
C ALA B 193 -28.21 -39.38 -20.09
N ASP B 194 -29.38 -39.70 -20.63
CA ASP B 194 -29.50 -40.12 -22.02
C ASP B 194 -29.64 -38.89 -22.92
N PRO B 195 -28.73 -38.75 -23.90
CA PRO B 195 -28.73 -37.60 -24.80
C PRO B 195 -29.90 -37.60 -25.78
N THR B 196 -30.45 -38.79 -26.05
CA THR B 196 -31.58 -38.96 -26.95
C THR B 196 -32.91 -38.53 -26.28
N ASP B 197 -32.86 -38.27 -24.98
CA ASP B 197 -34.02 -37.83 -24.22
C ASP B 197 -34.32 -36.35 -24.39
N VAL B 198 -33.58 -35.69 -25.28
CA VAL B 198 -33.90 -34.32 -25.69
C VAL B 198 -35.32 -34.23 -26.26
N LEU B 199 -35.80 -35.34 -26.81
CA LEU B 199 -37.13 -35.45 -27.43
C LEU B 199 -38.28 -35.35 -26.43
N VAL B 200 -38.00 -35.74 -25.19
CA VAL B 200 -38.99 -35.80 -24.12
C VAL B 200 -39.51 -34.40 -23.75
N PHE B 201 -38.66 -33.39 -23.94
CA PHE B 201 -39.02 -32.03 -23.59
C PHE B 201 -39.46 -31.26 -24.83
N LEU B 202 -40.37 -30.29 -24.67
CA LEU B 202 -40.76 -29.41 -25.76
C LEU B 202 -39.60 -28.50 -26.15
N ALA B 203 -39.47 -28.22 -27.45
CA ALA B 203 -38.32 -27.50 -27.99
C ALA B 203 -38.12 -26.11 -27.40
N ASP B 204 -39.23 -25.36 -27.28
CA ASP B 204 -39.19 -24.01 -26.70
C ASP B 204 -38.88 -24.04 -25.20
N HIS B 205 -39.24 -25.14 -24.55
CA HIS B 205 -38.86 -25.37 -23.16
C HIS B 205 -37.35 -25.53 -23.05
N LEU B 206 -36.74 -26.27 -23.98
CA LEU B 206 -35.30 -26.49 -24.00
C LEU B 206 -34.55 -25.20 -24.28
N ALA B 207 -35.06 -24.43 -25.22
CA ALA B 207 -34.47 -23.14 -25.61
C ALA B 207 -34.44 -22.15 -24.46
N GLU B 208 -35.50 -22.12 -23.66
CA GLU B 208 -35.56 -21.24 -22.49
C GLU B 208 -34.52 -21.63 -21.44
N GLN B 209 -34.31 -22.92 -21.24
CA GLN B 209 -33.30 -23.39 -20.29
C GLN B 209 -31.88 -23.06 -20.74
N LEU B 210 -31.57 -23.34 -22.00
CA LEU B 210 -30.29 -22.94 -22.57
C LEU B 210 -30.12 -21.43 -22.47
N THR B 211 -31.16 -20.68 -22.83
CA THR B 211 -31.10 -19.22 -22.77
C THR B 211 -30.88 -18.73 -21.34
N LEU B 212 -31.54 -19.37 -20.39
CA LEU B 212 -31.31 -19.09 -18.97
C LEU B 212 -29.83 -19.18 -18.59
N LEU B 213 -29.18 -20.28 -19.00
CA LEU B 213 -27.77 -20.53 -18.68
C LEU B 213 -26.81 -19.59 -19.41
N ASP B 214 -27.05 -19.39 -20.71
CA ASP B 214 -26.25 -18.47 -21.52
C ASP B 214 -26.36 -17.02 -21.04
N ALA B 215 -27.55 -16.63 -20.60
CA ALA B 215 -27.82 -15.26 -20.16
C ALA B 215 -27.13 -14.92 -18.85
N GLU B 216 -27.26 -15.81 -17.86
CA GLU B 216 -26.62 -15.57 -16.57
C GLU B 216 -25.09 -15.58 -16.66
N LEU B 217 -24.56 -16.31 -17.64
CA LEU B 217 -23.12 -16.30 -17.89
C LEU B 217 -22.70 -15.01 -18.56
N PHE B 218 -23.53 -14.55 -19.51
CA PHE B 218 -23.30 -13.27 -20.17
C PHE B 218 -23.39 -12.10 -19.19
N LEU B 219 -24.34 -12.15 -18.26
CA LEU B 219 -24.45 -11.12 -17.22
C LEU B 219 -23.23 -11.11 -16.29
N ASN B 220 -22.68 -12.29 -16.04
CA ASN B 220 -21.47 -12.47 -15.23
C ASN B 220 -20.17 -12.20 -15.99
N LEU B 221 -20.28 -11.88 -17.27
CA LEU B 221 -19.12 -11.56 -18.08
C LEU B 221 -18.51 -10.23 -17.63
N ILE B 222 -17.21 -10.26 -17.39
CA ILE B 222 -16.45 -9.05 -17.09
C ILE B 222 -15.78 -8.61 -18.39
N PRO B 223 -16.31 -7.52 -19.00
CA PRO B 223 -15.92 -7.11 -20.35
C PRO B 223 -14.42 -6.85 -20.55
N SER B 224 -13.72 -6.46 -19.49
CA SER B 224 -12.28 -6.24 -19.58
C SER B 224 -11.52 -7.52 -19.93
N GLN B 225 -12.09 -8.67 -19.56
CA GLN B 225 -11.45 -9.96 -19.82
C GLN B 225 -11.52 -10.37 -21.29
N CYS B 226 -12.37 -9.69 -22.06
CA CYS B 226 -12.50 -9.94 -23.49
C CYS B 226 -11.38 -9.27 -24.29
N LEU B 227 -10.66 -8.35 -23.66
CA LEU B 227 -9.60 -7.57 -24.33
C LEU B 227 -8.56 -8.48 -24.97
N GLY B 228 -8.21 -8.18 -26.21
CA GLY B 228 -7.27 -8.97 -27.01
C GLY B 228 -5.95 -9.24 -26.32
N GLY B 229 -5.51 -8.30 -25.48
CA GLY B 229 -4.26 -8.43 -24.74
C GLY B 229 -4.34 -9.34 -23.53
N LEU B 230 -5.54 -9.86 -23.25
CA LEU B 230 -5.75 -10.80 -22.14
C LEU B 230 -6.26 -12.14 -22.64
N TRP B 231 -7.28 -12.09 -23.49
CA TRP B 231 -7.83 -13.29 -24.11
C TRP B 231 -6.80 -13.94 -25.04
N GLY B 232 -6.03 -13.10 -25.74
CA GLY B 232 -4.96 -13.56 -26.61
C GLY B 232 -3.89 -14.40 -25.91
N HIS B 233 -3.55 -14.03 -24.68
CA HIS B 233 -2.52 -14.75 -23.93
C HIS B 233 -3.11 -15.69 -22.88
N ARG B 234 -4.29 -16.26 -23.17
CA ARG B 234 -4.95 -17.18 -22.25
C ARG B 234 -4.21 -18.51 -22.21
N ASP B 235 -3.45 -18.80 -23.26
CA ASP B 235 -2.79 -20.09 -23.41
C ASP B 235 -1.35 -20.13 -22.86
N ARG B 236 -0.78 -18.96 -22.60
CA ARG B 236 0.58 -18.83 -22.06
C ARG B 236 0.80 -19.57 -20.73
N PRO B 237 2.02 -20.10 -20.51
CA PRO B 237 2.44 -20.94 -19.36
C PRO B 237 1.88 -20.57 -17.98
N GLY B 238 1.75 -19.29 -17.68
CA GLY B 238 1.27 -18.86 -16.36
C GLY B 238 -0.21 -18.52 -16.30
N HIS B 239 -0.85 -18.48 -17.46
CA HIS B 239 -2.27 -18.11 -17.56
C HIS B 239 -3.14 -19.35 -17.64
N SER B 240 -4.04 -19.50 -16.67
CA SER B 240 -4.98 -20.61 -16.61
C SER B 240 -6.22 -20.21 -15.83
N HIS B 241 -6.03 -19.32 -14.85
CA HIS B 241 -7.12 -18.76 -14.06
C HIS B 241 -7.53 -17.41 -14.64
N LEU B 242 -6.80 -16.97 -15.66
CA LEU B 242 -7.08 -15.70 -16.32
C LEU B 242 -8.29 -15.81 -17.25
N CYS B 243 -9.07 -14.73 -17.30
CA CYS B 243 -10.24 -14.63 -18.15
C CYS B 243 -11.34 -15.66 -17.83
N PRO B 244 -11.58 -15.93 -16.53
CA PRO B 244 -12.45 -17.05 -16.18
C PRO B 244 -13.89 -16.93 -16.69
N SER B 245 -14.47 -15.73 -16.59
CA SER B 245 -15.85 -15.49 -17.00
C SER B 245 -16.09 -15.68 -18.50
N VAL B 246 -15.09 -15.32 -19.31
CA VAL B 246 -15.16 -15.51 -20.76
C VAL B 246 -15.14 -17.01 -21.09
N ARG B 247 -14.25 -17.73 -20.42
CA ARG B 247 -14.14 -19.19 -20.55
C ARG B 247 -15.41 -19.92 -20.15
N ALA B 248 -16.13 -19.36 -19.17
CA ALA B 248 -17.38 -19.93 -18.72
C ALA B 248 -18.42 -19.88 -19.84
N THR B 249 -18.47 -18.76 -20.55
CA THR B 249 -19.29 -18.59 -21.74
C THR B 249 -18.94 -19.61 -22.84
N VAL B 250 -17.64 -19.80 -23.07
CA VAL B 250 -17.15 -20.70 -24.11
C VAL B 250 -17.44 -22.16 -23.76
N THR B 251 -17.23 -22.52 -22.50
CA THR B 251 -17.47 -23.87 -22.03
C THR B 251 -18.94 -24.25 -22.21
N GLN B 252 -19.85 -23.30 -21.97
CA GLN B 252 -21.28 -23.57 -22.07
C GLN B 252 -21.73 -23.66 -23.52
N PHE B 253 -21.08 -22.88 -24.37
CA PHE B 253 -21.27 -22.98 -25.83
C PHE B 253 -20.85 -24.38 -26.27
N ASN B 254 -19.73 -24.86 -25.75
CA ASN B 254 -19.20 -26.18 -26.07
C ASN B 254 -20.06 -27.34 -25.57
N LYS B 255 -20.68 -27.16 -24.40
CA LYS B 255 -21.59 -28.16 -23.86
C LYS B 255 -22.85 -28.32 -24.73
N VAL B 256 -23.42 -27.21 -25.18
CA VAL B 256 -24.58 -27.22 -26.06
C VAL B 256 -24.21 -27.90 -27.38
N ALA B 257 -23.15 -27.41 -28.02
CA ALA B 257 -22.67 -28.00 -29.28
C ALA B 257 -22.33 -29.48 -29.09
N GLY B 258 -21.89 -29.83 -27.89
CA GLY B 258 -21.64 -31.22 -27.53
C GLY B 258 -22.91 -32.03 -27.38
N ALA B 259 -23.90 -31.44 -26.70
CA ALA B 259 -25.22 -32.05 -26.51
C ALA B 259 -25.91 -32.39 -27.84
N VAL B 260 -25.76 -31.53 -28.83
CA VAL B 260 -26.37 -31.76 -30.15
C VAL B 260 -25.70 -32.93 -30.85
N VAL B 261 -24.38 -32.88 -30.92
CA VAL B 261 -23.57 -33.88 -31.60
C VAL B 261 -23.77 -35.26 -30.96
N SER B 262 -23.76 -35.26 -29.62
CA SER B 262 -23.90 -36.47 -28.83
C SER B 262 -25.32 -37.02 -28.90
N SER B 263 -26.28 -36.12 -29.13
CA SER B 263 -27.68 -36.49 -29.22
C SER B 263 -28.02 -37.12 -30.57
N VAL B 264 -27.61 -36.46 -31.65
CA VAL B 264 -27.88 -36.94 -33.01
C VAL B 264 -27.26 -38.32 -33.23
N LEU B 265 -26.00 -38.47 -32.84
CA LEU B 265 -25.38 -39.79 -32.76
C LEU B 265 -25.65 -40.28 -31.35
N GLY B 266 -26.85 -40.83 -31.13
CA GLY B 266 -27.29 -41.20 -29.78
C GLY B 266 -26.27 -41.95 -28.94
N ALA B 267 -25.29 -41.21 -28.42
CA ALA B 267 -24.13 -41.80 -27.76
C ALA B 267 -23.75 -41.10 -26.48
N THR B 268 -23.28 -41.88 -25.51
CA THR B 268 -22.86 -41.37 -24.20
C THR B 268 -21.37 -41.65 -23.98
N SER B 269 -20.65 -40.64 -23.50
CA SER B 269 -19.21 -40.75 -23.30
C SER B 269 -18.86 -41.44 -21.99
N ILE B 270 -18.43 -42.70 -22.08
CA ILE B 270 -18.11 -43.49 -20.89
C ILE B 270 -16.60 -43.71 -20.80
N GLY B 271 -15.85 -42.62 -20.89
CA GLY B 271 -14.39 -42.67 -20.87
C GLY B 271 -13.76 -41.68 -21.82
N GLU B 272 -12.45 -41.55 -21.74
CA GLU B 272 -11.71 -40.57 -22.51
C GLU B 272 -11.25 -41.11 -23.87
N GLY B 273 -11.30 -42.43 -24.03
CA GLY B 273 -10.85 -43.09 -25.25
C GLY B 273 -11.83 -42.99 -26.40
N PRO B 274 -11.32 -42.99 -27.65
CA PRO B 274 -12.12 -42.95 -28.87
C PRO B 274 -13.11 -44.11 -29.01
N ARG B 275 -12.85 -45.22 -28.33
CA ARG B 275 -13.75 -46.37 -28.35
C ARG B 275 -14.72 -46.37 -27.17
N GLU B 276 -14.38 -45.65 -26.11
CA GLU B 276 -15.13 -45.68 -24.85
C GLU B 276 -16.44 -44.90 -24.91
N VAL B 277 -17.45 -45.52 -25.52
CA VAL B 277 -18.74 -44.88 -25.75
C VAL B 277 -19.83 -45.92 -26.00
N THR B 278 -21.02 -45.68 -25.44
CA THR B 278 -22.18 -46.53 -25.71
C THR B 278 -23.09 -45.87 -26.74
N VAL B 279 -23.42 -46.61 -27.79
CA VAL B 279 -24.28 -46.12 -28.86
C VAL B 279 -25.66 -46.74 -28.76
N ARG B 280 -26.69 -45.91 -28.91
CA ARG B 280 -28.05 -46.39 -29.08
C ARG B 280 -28.31 -46.58 -30.58
N PRO B 281 -28.65 -47.82 -30.99
CA PRO B 281 -28.89 -48.12 -32.40
C PRO B 281 -30.14 -47.43 -32.92
N LEU B 282 -30.02 -46.70 -34.02
CA LEU B 282 -31.13 -45.96 -34.58
C LEU B 282 -31.11 -45.98 -36.11
N ARG B 283 -32.29 -46.16 -36.69
CA ARG B 283 -32.45 -46.10 -38.14
C ARG B 283 -32.42 -44.63 -38.59
N PRO B 284 -32.06 -44.37 -39.86
CA PRO B 284 -32.04 -43.01 -40.37
C PRO B 284 -33.32 -42.18 -40.09
N PRO B 285 -34.53 -42.77 -40.25
CA PRO B 285 -35.74 -42.00 -39.90
C PRO B 285 -35.82 -41.59 -38.43
N GLN B 286 -35.29 -42.43 -37.54
CA GLN B 286 -35.29 -42.13 -36.10
C GLN B 286 -34.31 -41.01 -35.74
N ARG B 287 -33.24 -40.90 -36.52
CA ARG B 287 -32.25 -39.83 -36.32
C ARG B 287 -32.77 -38.50 -36.82
N ALA B 288 -33.59 -38.55 -37.87
CA ALA B 288 -34.24 -37.36 -38.40
C ALA B 288 -35.07 -36.66 -37.32
N ARG B 289 -35.71 -37.45 -36.47
CA ARG B 289 -36.47 -36.92 -35.34
C ARG B 289 -35.59 -36.10 -34.41
N LEU B 290 -34.36 -36.58 -34.20
CA LEU B 290 -33.37 -35.87 -33.39
C LEU B 290 -32.82 -34.61 -34.07
N LEU B 291 -32.71 -34.65 -35.41
CA LEU B 291 -32.30 -33.49 -36.19
C LEU B 291 -33.36 -32.39 -36.20
N GLU B 292 -34.62 -32.77 -36.39
CA GLU B 292 -35.74 -31.85 -36.42
C GLU B 292 -35.83 -31.11 -35.09
N LYS B 293 -35.71 -31.87 -34.01
CA LYS B 293 -35.81 -31.35 -32.67
C LYS B 293 -34.82 -30.20 -32.45
N TRP B 294 -33.56 -30.45 -32.80
CA TRP B 294 -32.49 -29.49 -32.59
C TRP B 294 -32.58 -28.28 -33.51
N ILE B 295 -33.07 -28.48 -34.74
CA ILE B 295 -33.37 -27.38 -35.65
C ILE B 295 -34.42 -26.43 -35.04
N ARG B 296 -35.44 -26.99 -34.39
CA ARG B 296 -36.48 -26.17 -33.77
C ARG B 296 -35.96 -25.50 -32.50
N VAL B 297 -35.12 -26.22 -31.74
CA VAL B 297 -34.54 -25.62 -30.53
C VAL B 297 -33.76 -24.37 -30.91
N ALA B 298 -33.02 -24.47 -32.01
CA ALA B 298 -32.28 -23.34 -32.57
C ALA B 298 -33.19 -22.17 -32.87
N GLU B 299 -34.28 -22.43 -33.61
CA GLU B 299 -35.20 -21.39 -34.04
C GLU B 299 -35.93 -20.74 -32.86
N GLU B 300 -36.11 -21.49 -31.78
CA GLU B 300 -36.69 -20.96 -30.56
C GLU B 300 -35.69 -20.05 -29.83
N CYS B 301 -34.42 -20.44 -29.87
CA CYS B 301 -33.35 -19.58 -29.36
C CYS B 301 -33.26 -18.28 -30.17
N ARG B 302 -33.60 -18.37 -31.45
CA ARG B 302 -33.62 -17.20 -32.34
C ARG B 302 -34.71 -16.21 -31.94
N LEU B 303 -35.88 -16.74 -31.57
CA LEU B 303 -37.00 -15.93 -31.11
C LEU B 303 -36.77 -15.34 -29.72
N LEU B 304 -35.88 -15.95 -28.96
CA LEU B 304 -35.50 -15.44 -27.64
C LEU B 304 -34.27 -14.56 -27.73
N ARG B 305 -33.77 -14.37 -28.95
CA ARG B 305 -32.58 -13.58 -29.25
C ARG B 305 -31.32 -14.09 -28.54
N ASN B 306 -31.30 -15.39 -28.25
CA ASN B 306 -30.10 -16.05 -27.77
C ASN B 306 -29.27 -16.58 -28.94
N PHE B 307 -28.43 -15.72 -29.51
CA PHE B 307 -27.68 -16.06 -30.70
C PHE B 307 -26.50 -17.00 -30.42
N SER B 308 -26.00 -16.99 -29.20
CA SER B 308 -24.92 -17.89 -28.79
C SER B 308 -25.31 -19.36 -28.98
N SER B 309 -26.46 -19.75 -28.43
CA SER B 309 -26.93 -21.13 -28.58
C SER B 309 -27.41 -21.47 -29.98
N VAL B 310 -27.93 -20.46 -30.69
CA VAL B 310 -28.30 -20.63 -32.10
C VAL B 310 -27.07 -21.05 -32.87
N TYR B 311 -25.97 -20.34 -32.63
CA TYR B 311 -24.70 -20.62 -33.29
C TYR B 311 -24.09 -21.94 -32.78
N ALA B 312 -24.34 -22.28 -31.52
CA ALA B 312 -23.93 -23.59 -30.99
C ALA B 312 -24.67 -24.73 -31.69
N VAL B 313 -25.99 -24.63 -31.78
CA VAL B 313 -26.81 -25.69 -32.38
C VAL B 313 -26.53 -25.84 -33.89
N VAL B 314 -26.50 -24.71 -34.58
CA VAL B 314 -26.37 -24.69 -36.03
C VAL B 314 -24.98 -25.17 -36.47
N SER B 315 -23.96 -24.79 -35.70
CA SER B 315 -22.59 -25.21 -35.95
C SER B 315 -22.43 -26.71 -35.79
N ALA B 316 -23.04 -27.24 -34.74
CA ALA B 316 -23.02 -28.67 -34.45
C ALA B 316 -23.68 -29.49 -35.55
N LEU B 317 -24.78 -28.99 -36.11
CA LEU B 317 -25.47 -29.72 -37.17
C LEU B 317 -24.70 -29.62 -38.49
N GLN B 318 -23.92 -28.55 -38.63
CA GLN B 318 -23.02 -28.38 -39.78
C GLN B 318 -21.66 -28.99 -39.49
N SER B 319 -21.48 -29.45 -38.25
CA SER B 319 -20.25 -30.07 -37.81
C SER B 319 -19.90 -31.30 -38.64
N SER B 320 -18.62 -31.68 -38.61
CA SER B 320 -18.08 -32.74 -39.45
C SER B 320 -18.76 -34.11 -39.26
N PRO B 321 -18.92 -34.56 -38.00
CA PRO B 321 -19.54 -35.87 -37.80
C PRO B 321 -21.06 -35.92 -37.99
N ILE B 322 -21.70 -34.77 -38.18
CA ILE B 322 -23.16 -34.70 -38.36
C ILE B 322 -23.52 -34.40 -39.81
N HIS B 323 -22.72 -33.55 -40.44
CA HIS B 323 -22.89 -33.20 -41.85
C HIS B 323 -22.86 -34.43 -42.76
N ARG B 324 -22.10 -35.44 -42.34
CA ARG B 324 -21.94 -36.69 -43.09
C ARG B 324 -23.23 -37.49 -43.26
N LEU B 325 -24.11 -37.40 -42.26
CA LEU B 325 -25.25 -38.30 -42.12
C LEU B 325 -26.38 -38.07 -43.15
N ARG B 326 -26.03 -38.25 -44.43
CA ARG B 326 -26.92 -37.97 -45.56
C ARG B 326 -28.27 -38.70 -45.51
N ALA B 327 -28.26 -39.93 -45.02
CA ALA B 327 -29.49 -40.73 -44.89
C ALA B 327 -30.44 -40.11 -43.88
N ALA B 328 -29.91 -39.78 -42.70
CA ALA B 328 -30.66 -39.10 -41.65
C ALA B 328 -31.14 -37.73 -42.12
N TRP B 329 -30.25 -36.99 -42.80
CA TRP B 329 -30.63 -35.71 -43.37
C TRP B 329 -31.67 -35.85 -44.49
N GLY B 330 -31.69 -37.03 -45.12
CA GLY B 330 -32.62 -37.33 -46.20
C GLY B 330 -34.00 -37.75 -45.71
N GLU B 331 -34.09 -38.12 -44.44
CA GLU B 331 -35.35 -38.50 -43.81
C GLU B 331 -36.01 -37.34 -43.07
N THR B 332 -35.32 -36.20 -43.08
CA THR B 332 -35.76 -35.00 -42.36
C THR B 332 -36.85 -34.27 -43.15
N THR B 333 -37.86 -33.79 -42.43
CA THR B 333 -38.94 -33.00 -43.04
C THR B 333 -38.40 -31.77 -43.77
N ARG B 334 -39.05 -31.43 -44.88
CA ARG B 334 -38.65 -30.30 -45.71
C ARG B 334 -38.80 -28.95 -45.01
N ASP B 335 -39.78 -28.82 -44.12
CA ASP B 335 -39.95 -27.56 -43.39
C ASP B 335 -38.81 -27.34 -42.40
N SER B 336 -38.24 -28.43 -41.90
CA SER B 336 -37.10 -28.38 -41.01
C SER B 336 -35.84 -27.96 -41.77
N LEU B 337 -35.76 -28.37 -43.04
CA LEU B 337 -34.64 -28.03 -43.90
C LEU B 337 -34.65 -26.55 -44.29
N ARG B 338 -35.83 -25.98 -44.49
CA ARG B 338 -35.98 -24.56 -44.79
C ARG B 338 -35.54 -23.71 -43.62
N VAL B 339 -35.99 -24.11 -42.42
CA VAL B 339 -35.67 -23.38 -41.20
C VAL B 339 -34.18 -23.45 -40.92
N PHE B 340 -33.60 -24.64 -41.08
CA PHE B 340 -32.16 -24.83 -40.96
C PHE B 340 -31.39 -23.95 -41.96
N SER B 341 -31.87 -23.90 -43.21
CA SER B 341 -31.30 -23.03 -44.24
C SER B 341 -31.36 -21.56 -43.84
N SER B 342 -32.52 -21.16 -43.31
CA SER B 342 -32.74 -19.81 -42.82
C SER B 342 -31.80 -19.45 -41.66
N LEU B 343 -31.41 -20.45 -40.89
CA LEU B 343 -30.53 -20.24 -39.74
C LEU B 343 -29.06 -20.28 -40.13
N CYS B 344 -28.74 -21.10 -41.14
CA CYS B 344 -27.36 -21.23 -41.62
C CYS B 344 -26.88 -19.99 -42.38
N GLN B 345 -27.83 -19.32 -43.03
CA GLN B 345 -27.53 -18.11 -43.81
C GLN B 345 -27.37 -16.89 -42.91
N ILE B 346 -27.71 -17.03 -41.63
CA ILE B 346 -27.45 -16.00 -40.64
C ILE B 346 -25.97 -16.02 -40.26
N PHE B 347 -25.40 -17.22 -40.20
CA PHE B 347 -23.99 -17.40 -39.90
C PHE B 347 -23.25 -17.99 -41.10
N GLY B 386 -34.69 -9.34 -23.95
CA GLY B 386 -33.39 -9.95 -23.69
C GLY B 386 -32.57 -10.28 -24.92
N VAL B 387 -31.26 -10.44 -24.72
CA VAL B 387 -30.33 -10.82 -25.78
C VAL B 387 -29.21 -11.64 -25.18
N VAL B 388 -28.75 -12.64 -25.92
CA VAL B 388 -27.44 -13.24 -25.65
C VAL B 388 -26.68 -13.31 -26.98
N PRO B 389 -25.69 -12.42 -27.15
CA PRO B 389 -24.87 -12.42 -28.37
C PRO B 389 -23.94 -13.62 -28.42
N TYR B 390 -23.44 -13.93 -29.62
CA TYR B 390 -22.37 -14.90 -29.74
C TYR B 390 -21.06 -14.16 -29.48
N LEU B 391 -20.44 -14.48 -28.34
CA LEU B 391 -19.27 -13.72 -27.87
C LEU B 391 -18.04 -13.83 -28.77
N GLY B 392 -17.93 -14.93 -29.50
CA GLY B 392 -16.78 -15.16 -30.37
C GLY B 392 -16.49 -14.05 -31.37
N THR B 393 -17.54 -13.35 -31.80
CA THR B 393 -17.42 -12.23 -32.74
C THR B 393 -16.71 -11.05 -32.11
N PHE B 394 -17.06 -10.73 -30.87
CA PHE B 394 -16.42 -9.66 -30.11
C PHE B 394 -14.96 -10.00 -29.80
N LEU B 395 -14.73 -11.24 -29.39
CA LEU B 395 -13.37 -11.71 -29.12
C LEU B 395 -12.50 -11.56 -30.37
N LYS B 396 -13.00 -12.04 -31.51
CA LYS B 396 -12.36 -11.83 -32.80
C LYS B 396 -12.00 -10.35 -32.99
N ASP B 397 -13.01 -9.49 -32.91
CA ASP B 397 -12.84 -8.04 -33.09
C ASP B 397 -11.75 -7.45 -32.21
N LEU B 398 -11.74 -7.83 -30.94
CA LEU B 398 -10.78 -7.31 -29.98
C LEU B 398 -9.36 -7.87 -30.16
N VAL B 399 -9.26 -9.11 -30.62
CA VAL B 399 -7.98 -9.73 -30.94
C VAL B 399 -7.36 -9.06 -32.18
N MET B 400 -8.18 -8.82 -33.19
CA MET B 400 -7.75 -8.11 -34.40
C MET B 400 -7.32 -6.68 -34.07
N LEU B 401 -8.06 -6.05 -33.16
CA LEU B 401 -7.82 -4.67 -32.76
C LEU B 401 -6.57 -4.52 -31.89
N ASP B 402 -6.24 -5.58 -31.15
CA ASP B 402 -5.06 -5.59 -30.29
C ASP B 402 -3.78 -5.78 -31.12
N ALA B 403 -3.92 -6.39 -32.28
CA ALA B 403 -2.77 -6.63 -33.17
C ALA B 403 -2.56 -5.55 -34.23
N ALA B 404 -3.61 -4.79 -34.55
CA ALA B 404 -3.55 -3.75 -35.56
C ALA B 404 -2.94 -2.44 -35.06
N SER B 405 -3.09 -2.19 -33.76
CA SER B 405 -2.55 -0.99 -33.14
C SER B 405 -1.60 -1.33 -32.01
N LYS B 406 -0.54 -0.54 -31.90
CA LYS B 406 0.52 -0.78 -30.94
C LYS B 406 0.14 -0.23 -29.56
N ASP B 407 0.63 -0.88 -28.52
CA ASP B 407 0.34 -0.49 -27.14
C ASP B 407 0.91 0.88 -26.82
N GLU B 408 2.16 1.10 -27.22
CA GLU B 408 2.89 2.31 -26.89
C GLU B 408 3.55 2.93 -28.12
N LEU B 409 3.62 4.26 -28.15
CA LEU B 409 4.32 4.98 -29.21
C LEU B 409 5.84 4.94 -28.96
N GLU B 410 6.61 5.31 -29.98
CA GLU B 410 8.08 5.26 -29.94
C GLU B 410 8.69 6.00 -28.73
N ASN B 411 8.12 7.16 -28.40
CA ASN B 411 8.58 7.93 -27.26
C ASN B 411 8.19 7.32 -25.90
N GLY B 412 7.53 6.16 -25.93
CA GLY B 412 7.19 5.42 -24.71
C GLY B 412 5.84 5.73 -24.08
N TYR B 413 5.09 6.65 -24.67
CA TYR B 413 3.75 6.99 -24.19
C TYR B 413 2.79 5.85 -24.50
N ILE B 414 1.76 5.70 -23.67
CA ILE B 414 0.67 4.75 -23.90
C ILE B 414 -0.25 5.28 -25.01
N ASN B 415 -0.34 4.55 -26.11
CA ASN B 415 -1.29 4.86 -27.17
C ASN B 415 -2.72 4.68 -26.66
N PHE B 416 -3.32 5.78 -26.23
CA PHE B 416 -4.66 5.72 -25.65
C PHE B 416 -5.78 5.62 -26.69
N ASP B 417 -5.46 5.88 -27.95
CA ASP B 417 -6.44 5.75 -29.02
C ASP B 417 -6.87 4.30 -29.18
N LYS B 418 -5.92 3.39 -28.97
CA LYS B 418 -6.19 1.96 -28.99
C LYS B 418 -7.28 1.63 -27.99
N ARG B 419 -7.13 2.18 -26.78
CA ARG B 419 -8.04 1.94 -25.67
C ARG B 419 -9.44 2.49 -25.92
N ARG B 420 -9.54 3.57 -26.70
CA ARG B 420 -10.84 4.16 -27.06
C ARG B 420 -11.58 3.25 -28.03
N LYS B 421 -10.84 2.67 -28.97
CA LYS B 421 -11.42 1.74 -29.93
C LYS B 421 -11.84 0.46 -29.22
N GLU B 422 -11.03 0.05 -28.25
CA GLU B 422 -11.33 -1.10 -27.41
C GLU B 422 -12.57 -0.85 -26.55
N PHE B 423 -12.66 0.33 -25.94
CA PHE B 423 -13.79 0.68 -25.08
C PHE B 423 -15.11 0.83 -25.85
N ALA B 424 -15.03 1.17 -27.14
CA ALA B 424 -16.22 1.29 -27.99
C ALA B 424 -16.91 -0.07 -28.13
N ILE B 425 -16.10 -1.12 -28.28
CA ILE B 425 -16.60 -2.49 -28.39
C ILE B 425 -17.12 -2.99 -27.04
N LEU B 426 -16.39 -2.68 -25.97
CA LEU B 426 -16.79 -3.06 -24.62
C LEU B 426 -18.10 -2.41 -24.19
N SER B 427 -18.35 -1.20 -24.69
CA SER B 427 -19.57 -0.47 -24.38
C SER B 427 -20.79 -1.12 -25.01
N GLU B 428 -20.60 -1.77 -26.15
CA GLU B 428 -21.69 -2.41 -26.85
C GLU B 428 -22.16 -3.66 -26.13
N LEU B 429 -21.22 -4.49 -25.68
CA LEU B 429 -21.61 -5.67 -24.92
C LEU B 429 -22.08 -5.31 -23.52
N LEU B 430 -21.73 -4.10 -23.07
CA LEU B 430 -22.26 -3.53 -21.84
C LEU B 430 -23.72 -3.11 -22.01
N ARG B 431 -24.06 -2.60 -23.19
CA ARG B 431 -25.44 -2.20 -23.46
C ARG B 431 -26.32 -3.42 -23.79
N LEU B 432 -25.67 -4.48 -24.28
CA LEU B 432 -26.32 -5.77 -24.48
C LEU B 432 -26.58 -6.46 -23.14
N GLN B 433 -25.65 -6.32 -22.21
CA GLN B 433 -25.82 -6.85 -20.85
C GLN B 433 -27.03 -6.25 -20.12
N LYS B 434 -27.24 -4.94 -20.31
CA LYS B 434 -28.37 -4.24 -19.72
C LYS B 434 -29.68 -4.70 -20.36
N GLU B 435 -29.62 -4.97 -21.65
CA GLU B 435 -30.77 -5.47 -22.41
C GLU B 435 -31.09 -6.91 -21.99
N CYS B 436 -30.05 -7.68 -21.71
CA CYS B 436 -30.17 -9.07 -21.30
C CYS B 436 -30.96 -9.22 -19.99
N ARG B 437 -30.98 -8.15 -19.20
CA ARG B 437 -31.65 -8.15 -17.91
C ARG B 437 -33.19 -8.18 -18.01
N GLY B 438 -33.69 -7.95 -19.21
CA GLY B 438 -35.12 -8.11 -19.51
C GLY B 438 -35.43 -9.52 -20.00
N TYR B 439 -35.03 -10.50 -19.21
CA TYR B 439 -35.38 -11.89 -19.47
C TYR B 439 -36.31 -12.42 -18.38
N ASP B 440 -37.56 -12.64 -18.78
CA ASP B 440 -38.56 -13.27 -17.92
C ASP B 440 -38.42 -14.78 -18.07
N LEU B 441 -37.39 -15.34 -17.43
CA LEU B 441 -37.06 -16.77 -17.60
C LEU B 441 -37.11 -17.57 -16.29
N ARG B 442 -37.95 -18.60 -16.27
CA ARG B 442 -38.17 -19.44 -15.10
C ARG B 442 -37.40 -20.76 -15.23
N PRO B 443 -36.62 -21.12 -14.18
CA PRO B 443 -35.84 -22.36 -14.21
C PRO B 443 -36.69 -23.63 -14.22
N ASN B 444 -36.39 -24.54 -15.14
CA ASN B 444 -37.03 -25.84 -15.20
C ASN B 444 -36.11 -26.89 -14.59
N SER B 445 -36.50 -27.44 -13.44
CA SER B 445 -35.63 -28.34 -12.69
C SER B 445 -35.37 -29.69 -13.39
N ASP B 446 -36.27 -30.10 -14.29
CA ASP B 446 -36.15 -31.37 -15.00
C ASP B 446 -35.18 -31.33 -16.18
N ILE B 447 -35.26 -30.26 -16.98
CA ILE B 447 -34.33 -30.05 -18.09
C ILE B 447 -32.95 -29.68 -17.55
N GLN B 448 -32.94 -28.93 -16.44
CA GLN B 448 -31.71 -28.52 -15.78
C GLN B 448 -30.92 -29.72 -15.27
N GLN B 449 -31.63 -30.64 -14.60
CA GLN B 449 -31.04 -31.88 -14.11
C GLN B 449 -30.62 -32.81 -15.26
N TRP B 450 -31.30 -32.66 -16.40
CA TRP B 450 -30.96 -33.45 -17.58
C TRP B 450 -29.64 -33.01 -18.18
N LEU B 451 -29.51 -31.71 -18.47
CA LEU B 451 -28.27 -31.13 -18.98
C LEU B 451 -27.04 -31.40 -18.10
N GLN B 452 -27.24 -31.34 -16.78
CA GLN B 452 -26.16 -31.51 -15.82
C GLN B 452 -25.55 -32.90 -15.82
N GLY B 453 -26.35 -33.91 -16.14
CA GLY B 453 -25.87 -35.29 -16.20
C GLY B 453 -25.48 -35.72 -17.60
N LEU B 454 -25.26 -34.74 -18.47
CA LEU B 454 -25.02 -34.99 -19.89
C LEU B 454 -23.54 -35.03 -20.20
N GLN B 455 -23.08 -36.18 -20.71
CA GLN B 455 -21.66 -36.41 -20.99
C GLN B 455 -21.35 -36.36 -22.49
N PRO B 456 -20.89 -35.18 -22.96
CA PRO B 456 -20.58 -34.99 -24.39
C PRO B 456 -19.37 -35.78 -24.88
N LEU B 457 -19.32 -36.03 -26.18
CA LEU B 457 -18.25 -36.80 -26.81
C LEU B 457 -17.05 -35.95 -27.18
N THR B 458 -15.89 -36.58 -27.21
CA THR B 458 -14.68 -36.02 -27.82
C THR B 458 -14.90 -35.93 -29.32
N GLU B 459 -14.16 -35.04 -29.99
CA GLU B 459 -14.20 -34.96 -31.45
C GLU B 459 -13.83 -36.31 -32.07
N ALA B 460 -12.76 -36.92 -31.54
CA ALA B 460 -12.34 -38.26 -31.94
C ALA B 460 -13.45 -39.29 -31.69
N GLN B 461 -14.09 -39.19 -30.53
CA GLN B 461 -15.22 -40.05 -30.19
C GLN B 461 -16.38 -39.90 -31.15
N SER B 462 -16.72 -38.65 -31.47
CA SER B 462 -17.85 -38.36 -32.34
C SER B 462 -17.56 -38.74 -33.80
N HIS B 463 -16.30 -38.63 -34.21
CA HIS B 463 -15.88 -39.02 -35.54
C HIS B 463 -15.94 -40.54 -35.73
N ARG B 464 -15.62 -41.28 -34.66
CA ARG B 464 -15.65 -42.74 -34.68
C ARG B 464 -17.08 -43.25 -34.79
N VAL B 465 -17.95 -42.77 -33.90
CA VAL B 465 -19.36 -43.16 -33.87
C VAL B 465 -20.07 -42.82 -35.17
N SER B 466 -19.82 -41.62 -35.70
CA SER B 466 -20.40 -41.21 -36.97
C SER B 466 -20.14 -42.25 -38.06
N CYS B 467 -18.88 -42.70 -38.15
CA CYS B 467 -18.48 -43.71 -39.12
C CYS B 467 -19.17 -45.07 -38.92
N GLU B 468 -19.31 -45.49 -37.66
CA GLU B 468 -20.01 -46.74 -37.33
C GLU B 468 -21.54 -46.62 -37.47
N VAL B 469 -22.01 -45.40 -37.67
CA VAL B 469 -23.45 -45.12 -37.76
C VAL B 469 -23.91 -45.01 -39.21
N GLU B 470 -23.17 -44.25 -40.02
CA GLU B 470 -23.42 -44.18 -41.46
C GLU B 470 -22.09 -44.31 -42.19
N PRO B 471 -21.73 -45.56 -42.55
CA PRO B 471 -20.43 -45.86 -43.13
C PRO B 471 -20.24 -45.24 -44.52
N PRO B 472 -18.99 -44.90 -44.87
CA PRO B 472 -18.69 -44.34 -46.20
C PRO B 472 -18.99 -45.33 -47.33
N GLY B 473 -19.85 -44.93 -48.26
CA GLY B 473 -20.23 -45.77 -49.39
C GLY B 473 -19.13 -45.87 -50.43
N ALA C 12 15.23 8.17 -3.98
CA ALA C 12 16.61 8.63 -3.63
C ALA C 12 16.68 9.10 -2.17
N LEU C 13 16.19 8.25 -1.27
CA LEU C 13 16.12 8.57 0.15
C LEU C 13 16.60 7.38 0.97
N HIS C 14 17.63 7.60 1.78
CA HIS C 14 18.23 6.55 2.59
C HIS C 14 18.01 6.79 4.09
N LYS C 15 17.27 5.89 4.72
CA LYS C 15 16.89 6.04 6.12
C LYS C 15 17.96 5.47 7.07
N VAL C 16 18.58 6.36 7.83
CA VAL C 16 19.64 6.01 8.77
C VAL C 16 19.13 6.10 10.19
N ILE C 17 19.55 5.14 11.03
CA ILE C 17 19.24 5.18 12.46
C ILE C 17 20.53 5.15 13.28
N MET C 18 20.61 6.04 14.26
CA MET C 18 21.74 6.06 15.19
C MET C 18 21.37 5.41 16.51
N VAL C 19 22.07 4.31 16.82
CA VAL C 19 21.78 3.50 17.99
C VAL C 19 22.91 3.61 19.02
N GLY C 20 22.54 3.57 20.30
CA GLY C 20 23.52 3.63 21.38
C GLY C 20 22.90 3.92 22.72
N SER C 21 23.76 4.18 23.71
CA SER C 21 23.33 4.55 25.05
C SER C 21 23.32 6.07 25.21
N GLY C 22 22.69 6.54 26.27
CA GLY C 22 22.74 7.97 26.63
C GLY C 22 24.14 8.36 27.10
N GLY C 23 24.53 9.60 26.81
CA GLY C 23 25.84 10.12 27.20
C GLY C 23 26.96 9.75 26.26
N VAL C 24 26.64 8.91 25.27
CA VAL C 24 27.59 8.49 24.25
C VAL C 24 27.84 9.62 23.25
N GLY C 25 26.79 10.40 22.97
CA GLY C 25 26.90 11.55 22.09
C GLY C 25 26.59 11.23 20.64
N LYS C 26 25.54 10.44 20.42
CA LYS C 26 25.02 10.22 19.06
C LYS C 26 24.48 11.55 18.57
N SER C 27 23.81 12.26 19.46
CA SER C 27 23.23 13.58 19.20
C SER C 27 24.30 14.61 18.86
N ALA C 28 25.45 14.50 19.51
CA ALA C 28 26.61 15.34 19.21
C ALA C 28 27.14 15.07 17.81
N LEU C 29 27.18 13.79 17.43
CA LEU C 29 27.65 13.35 16.12
C LEU C 29 26.65 13.70 15.02
N THR C 30 25.37 13.67 15.37
CA THR C 30 24.27 13.96 14.45
C THR C 30 24.26 15.42 13.98
N LEU C 31 24.40 16.33 14.95
CA LEU C 31 24.29 17.76 14.70
C LEU C 31 25.44 18.34 13.88
N GLN C 32 26.66 17.85 14.12
CA GLN C 32 27.84 18.35 13.40
C GLN C 32 27.91 17.94 11.93
N PHE C 33 27.37 16.76 11.60
CA PHE C 33 27.32 16.32 10.22
C PHE C 33 26.39 17.20 9.38
N MET C 34 25.29 17.64 9.98
CA MET C 34 24.32 18.50 9.29
C MET C 34 24.65 19.99 9.41
N TYR C 35 24.90 20.46 10.63
CA TYR C 35 25.30 21.84 10.88
C TYR C 35 26.84 21.93 10.90
N ARG C 51 16.34 15.65 7.76
CA ARG C 51 16.61 15.48 6.33
C ARG C 51 17.64 16.48 5.81
N LYS C 52 18.56 15.99 4.98
CA LYS C 52 19.55 16.83 4.33
C LYS C 52 19.87 16.33 2.92
N LYS C 53 19.90 17.27 1.97
CA LYS C 53 20.37 16.98 0.61
C LYS C 53 21.89 17.00 0.63
N VAL C 54 22.49 15.90 0.17
CA VAL C 54 23.94 15.77 0.12
C VAL C 54 24.40 15.16 -1.21
N VAL C 55 25.69 15.24 -1.48
CA VAL C 55 26.28 14.62 -2.67
C VAL C 55 27.10 13.41 -2.23
N LEU C 56 26.67 12.22 -2.65
CA LEU C 56 27.36 10.98 -2.27
C LEU C 56 28.51 10.66 -3.23
N ASP C 57 28.18 10.09 -4.39
CA ASP C 57 29.17 9.80 -5.43
C ASP C 57 28.84 10.58 -6.70
N GLY C 58 28.92 11.91 -6.59
CA GLY C 58 28.52 12.82 -7.68
C GLY C 58 27.02 12.82 -7.92
N GLU C 59 26.26 12.39 -6.92
CA GLU C 59 24.82 12.19 -7.05
C GLU C 59 24.04 12.82 -5.90
N GLU C 60 22.94 13.49 -6.24
CA GLU C 60 22.05 14.11 -5.26
C GLU C 60 21.23 13.04 -4.54
N VAL C 61 21.44 12.93 -3.24
CA VAL C 61 20.72 11.99 -2.39
C VAL C 61 20.20 12.71 -1.15
N GLN C 62 19.02 12.31 -0.68
CA GLN C 62 18.51 12.78 0.61
C GLN C 62 18.65 11.69 1.68
N ILE C 63 18.90 12.10 2.92
CA ILE C 63 18.99 11.15 4.04
C ILE C 63 18.21 11.58 5.28
N ASP C 64 17.56 10.60 5.90
CA ASP C 64 16.92 10.77 7.20
C ASP C 64 17.79 10.17 8.29
N ILE C 65 18.27 11.00 9.20
CA ILE C 65 18.88 10.53 10.42
C ILE C 65 17.82 10.63 11.51
N LEU C 66 17.34 9.48 11.98
CA LEU C 66 16.35 9.48 13.03
C LEU C 66 16.95 9.00 14.34
N ASP C 67 17.04 9.93 15.29
CA ASP C 67 17.68 9.68 16.58
C ASP C 67 16.80 8.93 17.57
N THR C 68 17.42 8.05 18.34
CA THR C 68 16.78 7.43 19.49
C THR C 68 17.13 8.22 20.76
N ALA C 69 17.53 9.47 20.55
CA ALA C 69 18.00 10.35 21.63
C ALA C 69 16.94 10.54 22.70
N GLY C 70 17.34 10.34 23.96
CA GLY C 70 16.44 10.46 25.10
C GLY C 70 15.45 9.32 25.24
N GLN C 71 15.24 8.58 24.16
CA GLN C 71 14.21 7.54 24.09
C GLN C 71 14.79 6.12 24.12
N GLU C 72 16.00 5.98 24.64
CA GLU C 72 16.74 4.71 24.61
C GLU C 72 16.17 3.64 25.55
N ASP C 73 15.54 4.07 26.64
CA ASP C 73 15.01 3.12 27.63
C ASP C 73 13.57 2.67 27.31
N TYR C 74 13.00 3.22 26.25
CA TYR C 74 11.68 2.80 25.80
C TYR C 74 11.80 1.54 24.94
N ALA C 75 11.19 0.45 25.41
CA ALA C 75 11.32 -0.85 24.78
C ALA C 75 10.76 -0.89 23.34
N ALA C 76 9.44 -0.80 23.21
CA ALA C 76 8.76 -0.99 21.93
C ALA C 76 9.00 0.12 20.90
N ILE C 77 9.47 1.28 21.36
CA ILE C 77 9.68 2.44 20.49
C ILE C 77 10.75 2.20 19.43
N ARG C 78 11.96 1.84 19.86
CA ARG C 78 13.08 1.60 18.94
C ARG C 78 12.76 0.51 17.90
N ASP C 79 11.96 -0.46 18.31
CA ASP C 79 11.48 -1.53 17.42
C ASP C 79 10.78 -0.95 16.19
N ASN C 80 10.02 0.12 16.40
CA ASN C 80 9.28 0.78 15.31
C ASN C 80 10.23 1.53 14.39
N TYR C 81 11.24 2.17 14.97
CA TYR C 81 12.30 2.83 14.22
C TYR C 81 13.02 1.83 13.30
N PHE C 82 13.41 0.68 13.86
CA PHE C 82 14.22 -0.30 13.13
C PHE C 82 13.47 -0.99 11.97
N ARG C 83 12.14 -0.94 12.00
CA ARG C 83 11.34 -1.48 10.90
C ARG C 83 11.53 -0.66 9.62
N SER C 84 11.42 0.66 9.75
CA SER C 84 11.50 1.56 8.60
C SER C 84 12.93 1.93 8.23
N GLY C 85 13.83 1.86 9.20
CA GLY C 85 15.24 2.22 9.00
C GLY C 85 16.00 1.25 8.14
N GLU C 86 16.80 1.79 7.21
CA GLU C 86 17.49 0.98 6.21
C GLU C 86 18.98 0.80 6.47
N GLY C 87 19.54 1.67 7.31
CA GLY C 87 20.97 1.59 7.69
C GLY C 87 21.18 2.05 9.12
N PHE C 88 22.17 1.45 9.78
CA PHE C 88 22.34 1.64 11.23
C PHE C 88 23.73 2.10 11.64
N LEU C 89 23.78 2.98 12.63
CA LEU C 89 25.02 3.41 13.27
C LEU C 89 25.01 2.98 14.73
N CYS C 90 25.94 2.09 15.08
CA CYS C 90 26.03 1.58 16.44
C CYS C 90 27.09 2.35 17.21
N VAL C 91 26.65 3.34 17.99
CA VAL C 91 27.56 4.28 18.64
C VAL C 91 27.77 3.98 20.13
N PHE C 92 29.04 3.88 20.52
CA PHE C 92 29.45 3.71 21.92
C PHE C 92 30.63 4.64 22.22
N SER C 93 30.81 5.01 23.47
CA SER C 93 31.94 5.86 23.87
C SER C 93 33.20 5.03 24.19
N ILE C 94 34.36 5.59 23.86
CA ILE C 94 35.64 4.91 24.10
C ILE C 94 36.11 5.06 25.56
N THR C 95 35.28 5.72 26.38
CA THR C 95 35.56 5.92 27.81
C THR C 95 34.90 4.84 28.67
N ASP C 96 33.61 4.62 28.46
CA ASP C 96 32.84 3.70 29.29
C ASP C 96 32.84 2.26 28.77
N ASP C 97 33.01 1.32 29.70
CA ASP C 97 32.91 -0.09 29.39
C ASP C 97 31.43 -0.47 29.22
N GLU C 98 30.58 0.17 30.02
CA GLU C 98 29.14 -0.11 30.07
C GLU C 98 28.43 0.20 28.76
N SER C 99 28.76 1.36 28.17
CA SER C 99 28.18 1.80 26.89
C SER C 99 28.65 0.92 25.72
N PHE C 100 29.87 0.40 25.82
CA PHE C 100 30.41 -0.53 24.84
C PHE C 100 29.77 -1.91 25.00
N GLN C 101 29.47 -2.29 26.24
CA GLN C 101 28.83 -3.57 26.55
C GLN C 101 27.40 -3.68 25.99
N ALA C 102 26.71 -2.55 25.93
CA ALA C 102 25.32 -2.50 25.43
C ALA C 102 25.19 -2.59 23.92
N THR C 103 26.32 -2.55 23.20
CA THR C 103 26.35 -2.52 21.74
C THR C 103 25.85 -3.82 21.10
N GLN C 104 26.06 -4.94 21.79
CA GLN C 104 25.62 -6.24 21.29
C GLN C 104 24.13 -6.44 21.46
N GLU C 105 23.56 -5.81 22.48
CA GLU C 105 22.11 -5.77 22.66
C GLU C 105 21.44 -5.03 21.51
N PHE C 106 21.99 -3.88 21.14
CA PHE C 106 21.49 -3.08 20.01
C PHE C 106 21.64 -3.81 18.69
N ARG C 107 22.75 -4.54 18.54
CA ARG C 107 22.98 -5.40 17.40
C ARG C 107 21.94 -6.53 17.34
N GLU C 108 21.60 -7.08 18.50
CA GLU C 108 20.60 -8.15 18.62
C GLU C 108 19.20 -7.66 18.28
N GLN C 109 18.81 -6.50 18.83
CA GLN C 109 17.50 -5.89 18.60
C GLN C 109 17.24 -5.66 17.12
N ILE C 110 18.26 -5.16 16.41
CA ILE C 110 18.17 -4.88 14.97
C ILE C 110 17.94 -6.18 14.18
N LEU C 111 18.62 -7.24 14.57
CA LEU C 111 18.44 -8.55 13.92
C LEU C 111 17.06 -9.15 14.18
N ARG C 112 16.51 -8.89 15.36
CA ARG C 112 15.15 -9.34 15.71
C ARG C 112 14.09 -8.68 14.82
N VAL C 113 14.21 -7.36 14.66
CA VAL C 113 13.28 -6.58 13.84
C VAL C 113 13.50 -6.87 12.36
N LYS C 114 14.73 -6.64 11.90
CA LYS C 114 15.12 -6.96 10.53
C LYS C 114 15.78 -8.33 10.53
N ASN C 115 15.01 -9.37 10.24
CA ASN C 115 15.53 -10.74 10.26
C ASN C 115 16.42 -11.07 9.06
N ASP C 116 17.59 -10.44 9.04
CA ASP C 116 18.57 -10.59 7.95
C ASP C 116 19.97 -10.26 8.46
N GLU C 117 20.91 -11.15 8.17
CA GLU C 117 22.31 -10.98 8.59
C GLU C 117 23.03 -9.91 7.75
N SER C 118 22.70 -9.87 6.46
CA SER C 118 23.38 -9.00 5.49
C SER C 118 22.73 -7.61 5.40
N ILE C 119 22.88 -6.82 6.47
CA ILE C 119 22.23 -5.50 6.56
C ILE C 119 23.24 -4.39 6.90
N PRO C 120 23.11 -3.21 6.25
CA PRO C 120 23.99 -2.07 6.49
C PRO C 120 24.19 -1.76 7.98
N PHE C 121 25.44 -1.79 8.42
CA PHE C 121 25.80 -1.64 9.82
C PHE C 121 27.19 -1.01 9.98
N LEU C 122 27.37 -0.24 11.05
CA LEU C 122 28.64 0.43 11.33
C LEU C 122 28.86 0.66 12.82
N LEU C 123 29.95 0.12 13.35
CA LEU C 123 30.32 0.29 14.76
C LEU C 123 31.12 1.59 14.95
N VAL C 124 30.67 2.41 15.88
CA VAL C 124 31.25 3.75 16.07
C VAL C 124 31.72 3.99 17.51
N GLY C 125 33.03 4.14 17.68
CA GLY C 125 33.62 4.56 18.95
C GLY C 125 33.68 6.08 18.99
N ASN C 126 33.28 6.65 20.12
CA ASN C 126 33.23 8.10 20.27
C ASN C 126 34.03 8.61 21.47
N LYS C 127 35.13 9.29 21.19
CA LYS C 127 36.00 9.83 22.24
C LYS C 127 35.59 11.24 22.64
N CYS C 128 35.58 11.50 23.95
CA CYS C 128 35.28 12.83 24.47
C CYS C 128 36.05 13.11 25.76
N LYS C 135 38.73 4.42 28.18
CA LYS C 135 39.32 3.30 28.92
C LYS C 135 39.30 1.99 28.13
N VAL C 136 38.19 1.70 27.45
CA VAL C 136 38.05 0.48 26.65
C VAL C 136 39.04 0.44 25.46
N PRO C 137 39.90 -0.61 25.43
CA PRO C 137 41.00 -0.75 24.47
C PRO C 137 40.57 -0.79 23.01
N LEU C 138 41.48 -0.39 22.13
CA LEU C 138 41.23 -0.33 20.69
C LEU C 138 41.27 -1.72 20.05
N SER C 139 42.10 -2.61 20.60
CA SER C 139 42.19 -3.99 20.12
C SER C 139 40.89 -4.76 20.37
N GLU C 140 40.26 -4.44 21.50
CA GLU C 140 38.98 -5.05 21.89
C GLU C 140 37.82 -4.45 21.09
N CYS C 141 38.03 -3.24 20.56
CA CYS C 141 37.06 -2.59 19.65
C CYS C 141 37.09 -3.23 18.27
N GLN C 142 38.28 -3.62 17.82
CA GLN C 142 38.48 -4.25 16.51
C GLN C 142 38.01 -5.69 16.49
N LEU C 143 37.94 -6.30 17.68
CA LEU C 143 37.49 -7.69 17.82
C LEU C 143 36.02 -7.87 17.42
N ARG C 144 35.16 -6.99 17.92
CA ARG C 144 33.72 -7.02 17.59
C ARG C 144 33.45 -6.62 16.15
N ALA C 145 34.31 -5.77 15.59
CA ALA C 145 34.27 -5.44 14.17
C ALA C 145 34.60 -6.65 13.31
N GLN C 146 35.45 -7.53 13.83
CA GLN C 146 35.85 -8.75 13.13
C GLN C 146 34.85 -9.89 13.29
N GLN C 147 34.15 -9.90 14.42
CA GLN C 147 33.13 -10.91 14.70
C GLN C 147 31.94 -10.83 13.74
N TRP C 148 31.62 -9.61 13.31
CA TRP C 148 30.61 -9.36 12.29
C TRP C 148 31.28 -8.91 10.98
N ALA C 149 30.53 -8.90 9.89
CA ALA C 149 31.05 -8.50 8.58
C ALA C 149 30.83 -7.01 8.29
N VAL C 150 31.21 -6.16 9.24
CA VAL C 150 31.03 -4.71 9.13
C VAL C 150 32.21 -3.92 9.71
N PRO C 151 32.60 -2.81 9.04
CA PRO C 151 33.77 -2.02 9.48
C PRO C 151 33.55 -1.22 10.76
N TYR C 152 34.64 -0.92 11.46
CA TYR C 152 34.62 -0.10 12.67
C TYR C 152 35.33 1.24 12.40
N VAL C 153 34.72 2.32 12.88
CA VAL C 153 35.30 3.66 12.75
C VAL C 153 35.23 4.42 14.07
N GLU C 154 36.32 5.09 14.43
CA GLU C 154 36.38 5.93 15.62
C GLU C 154 36.19 7.40 15.25
N THR C 155 35.48 8.13 16.10
CA THR C 155 35.21 9.55 15.88
C THR C 155 35.43 10.35 17.16
N SER C 156 35.70 11.64 16.99
CA SER C 156 35.86 12.57 18.10
C SER C 156 34.63 13.47 18.23
N ALA C 157 34.42 14.01 19.43
CA ALA C 157 33.23 14.82 19.73
C ALA C 157 33.19 16.16 18.97
N LYS C 158 34.25 16.95 19.08
CA LYS C 158 34.26 18.30 18.49
C LYS C 158 35.43 18.56 17.53
N THR C 159 36.39 17.64 17.48
CA THR C 159 37.47 17.67 16.49
C THR C 159 36.92 17.38 15.10
N ARG C 160 35.74 16.78 15.06
CA ARG C 160 34.97 16.54 13.83
C ARG C 160 35.62 15.56 12.84
N GLU C 161 36.66 14.86 13.30
CA GLU C 161 37.33 13.84 12.48
C GLU C 161 36.45 12.62 12.25
N ASN C 162 36.36 12.22 10.98
CA ASN C 162 35.54 11.07 10.54
C ASN C 162 34.03 11.19 10.78
N VAL C 163 33.58 12.41 11.10
CA VAL C 163 32.15 12.69 11.31
C VAL C 163 31.36 12.56 10.00
N ASP C 164 31.91 13.12 8.92
CA ASP C 164 31.31 12.98 7.60
C ASP C 164 31.51 11.55 7.10
N LYS C 165 32.70 11.02 7.29
CA LYS C 165 33.06 9.68 6.84
C LYS C 165 32.07 8.62 7.31
N VAL C 166 31.65 8.72 8.56
CA VAL C 166 30.77 7.73 9.21
C VAL C 166 29.42 7.57 8.51
N PHE C 167 28.77 8.69 8.20
CA PHE C 167 27.49 8.67 7.48
C PHE C 167 27.68 8.26 6.02
N PHE C 168 28.63 8.91 5.35
CA PHE C 168 28.95 8.61 3.95
C PHE C 168 29.33 7.13 3.77
N ASP C 169 30.05 6.59 4.74
CA ASP C 169 30.41 5.18 4.76
C ASP C 169 29.14 4.31 4.77
N LEU C 170 28.19 4.63 5.65
CA LEU C 170 26.97 3.85 5.80
C LEU C 170 26.03 3.99 4.60
N MET C 171 25.91 5.21 4.07
CA MET C 171 25.05 5.50 2.93
C MET C 171 25.39 4.66 1.71
N ARG C 172 26.69 4.44 1.50
CA ARG C 172 27.18 3.61 0.41
C ARG C 172 26.80 2.14 0.63
N GLU C 173 26.89 1.70 1.88
CA GLU C 173 26.49 0.34 2.25
C GLU C 173 24.98 0.15 2.11
N ILE C 174 24.21 1.22 2.33
CA ILE C 174 22.77 1.24 2.08
C ILE C 174 22.49 1.17 0.58
N ARG C 175 23.18 2.01 -0.17
CA ARG C 175 23.06 2.06 -1.63
C ARG C 175 23.44 0.72 -2.25
N SER C 176 24.43 0.06 -1.65
CA SER C 176 24.83 -1.30 -2.02
C SER C 176 23.66 -2.27 -1.93
N ARG C 177 22.92 -2.20 -0.82
CA ARG C 177 21.72 -3.01 -0.62
C ARG C 177 20.60 -2.66 -1.59
N LYS C 178 20.48 -1.37 -1.93
CA LYS C 178 19.49 -0.88 -2.88
C LYS C 178 19.74 -1.45 -4.27
N ALA D 12 -10.41 -16.62 -60.13
CA ALA D 12 -9.81 -17.56 -59.13
C ALA D 12 -9.81 -16.93 -57.74
N LEU D 13 -10.51 -17.59 -56.81
CA LEU D 13 -10.60 -17.12 -55.43
C LEU D 13 -10.07 -18.21 -54.51
N HIS D 14 -8.91 -17.96 -53.91
CA HIS D 14 -8.26 -18.94 -53.05
C HIS D 14 -8.49 -18.64 -51.58
N LYS D 15 -9.32 -19.46 -50.94
CA LYS D 15 -9.70 -19.29 -49.54
C LYS D 15 -8.68 -19.92 -48.59
N VAL D 16 -8.04 -19.08 -47.79
CA VAL D 16 -6.98 -19.50 -46.87
C VAL D 16 -7.46 -19.38 -45.43
N ILE D 17 -7.07 -20.36 -44.60
CA ILE D 17 -7.35 -20.32 -43.17
C ILE D 17 -6.08 -20.41 -42.34
N MET D 18 -6.00 -19.57 -41.31
CA MET D 18 -4.88 -19.60 -40.36
C MET D 18 -5.30 -20.28 -39.07
N VAL D 19 -4.61 -21.36 -38.73
CA VAL D 19 -4.93 -22.18 -37.57
C VAL D 19 -3.76 -22.16 -36.58
N GLY D 20 -4.08 -22.17 -35.28
CA GLY D 20 -3.07 -22.15 -34.23
C GLY D 20 -3.62 -21.79 -32.86
N SER D 21 -2.73 -21.48 -31.93
CA SER D 21 -3.11 -21.13 -30.55
C SER D 21 -3.56 -19.68 -30.45
N GLY D 22 -4.07 -19.32 -29.28
CA GLY D 22 -4.57 -17.96 -29.02
C GLY D 22 -3.51 -16.87 -29.07
N GLY D 23 -2.28 -17.21 -28.69
CA GLY D 23 -1.19 -16.23 -28.64
C GLY D 23 0.03 -16.61 -29.44
N VAL D 24 -0.13 -16.68 -30.76
CA VAL D 24 0.97 -17.04 -31.65
C VAL D 24 1.37 -15.89 -32.57
N GLY D 25 0.45 -14.95 -32.76
CA GLY D 25 0.67 -13.82 -33.65
C GLY D 25 0.25 -14.12 -35.08
N LYS D 26 -0.61 -15.13 -35.24
CA LYS D 26 -1.20 -15.44 -36.54
C LYS D 26 -2.14 -14.32 -36.97
N SER D 27 -2.69 -13.63 -35.96
CA SER D 27 -3.53 -12.47 -36.15
C SER D 27 -2.69 -11.28 -36.64
N ALA D 28 -1.46 -11.18 -36.14
CA ALA D 28 -0.55 -10.13 -36.54
C ALA D 28 0.10 -10.43 -37.89
N LEU D 29 0.33 -11.72 -38.16
CA LEU D 29 0.96 -12.18 -39.40
C LEU D 29 0.09 -11.90 -40.62
N THR D 30 -1.22 -11.98 -40.44
CA THR D 30 -2.18 -11.72 -41.52
C THR D 30 -2.41 -10.22 -41.79
N LEU D 31 -2.17 -9.39 -40.79
CA LEU D 31 -2.36 -7.95 -40.92
C LEU D 31 -1.26 -7.27 -41.73
N GLN D 32 -0.02 -7.72 -41.54
CA GLN D 32 1.13 -7.18 -42.28
C GLN D 32 1.12 -7.55 -43.76
N PHE D 33 0.63 -8.75 -44.07
CA PHE D 33 0.56 -9.25 -45.44
C PHE D 33 -0.33 -8.40 -46.34
N MET D 34 -1.43 -7.90 -45.77
CA MET D 34 -2.40 -7.09 -46.53
C MET D 34 -2.13 -5.58 -46.42
N TYR D 35 -1.77 -5.12 -45.23
CA TYR D 35 -1.49 -3.70 -44.99
C TYR D 35 0.00 -3.39 -45.13
N ASP D 36 0.35 -2.67 -46.20
CA ASP D 36 1.74 -2.34 -46.49
C ASP D 36 2.05 -0.88 -46.16
N ARG D 51 -10.26 -10.01 -47.88
CA ARG D 51 -9.96 -10.15 -49.30
C ARG D 51 -8.99 -9.08 -49.80
N LYS D 52 -7.98 -9.52 -50.53
CA LYS D 52 -7.05 -8.62 -51.21
C LYS D 52 -6.70 -9.15 -52.59
N LYS D 53 -6.73 -8.28 -53.59
CA LYS D 53 -6.32 -8.63 -54.95
C LYS D 53 -4.80 -8.59 -55.03
N VAL D 54 -4.21 -9.71 -55.43
CA VAL D 54 -2.75 -9.84 -55.49
C VAL D 54 -2.28 -10.43 -56.81
N VAL D 55 -1.02 -10.16 -57.15
CA VAL D 55 -0.41 -10.69 -58.38
C VAL D 55 0.42 -11.94 -58.03
N LEU D 56 -0.09 -13.10 -58.46
CA LEU D 56 0.54 -14.39 -58.18
C LEU D 56 0.93 -15.09 -59.47
N ASP D 57 2.23 -15.33 -59.65
CA ASP D 57 2.78 -16.02 -60.82
C ASP D 57 2.29 -15.45 -62.16
N GLY D 58 2.38 -14.13 -62.30
CA GLY D 58 1.99 -13.45 -63.53
C GLY D 58 0.56 -12.98 -63.57
N GLU D 59 -0.36 -13.82 -63.10
CA GLU D 59 -1.79 -13.48 -63.08
C GLU D 59 -2.24 -12.87 -61.75
N GLU D 60 -3.31 -12.07 -61.81
CA GLU D 60 -3.91 -11.48 -60.63
C GLU D 60 -5.00 -12.39 -60.07
N VAL D 61 -5.00 -12.55 -58.76
CA VAL D 61 -6.01 -13.37 -58.07
C VAL D 61 -6.51 -12.69 -56.81
N GLN D 62 -7.53 -13.29 -56.19
CA GLN D 62 -8.03 -12.82 -54.90
C GLN D 62 -7.78 -13.86 -53.83
N ILE D 63 -6.98 -13.49 -52.84
CA ILE D 63 -6.80 -14.32 -51.65
C ILE D 63 -7.80 -13.88 -50.58
N ASP D 64 -8.39 -14.85 -49.90
CA ASP D 64 -9.30 -14.59 -48.80
C ASP D 64 -8.79 -15.25 -47.52
N ILE D 65 -8.17 -14.45 -46.66
CA ILE D 65 -7.68 -14.97 -45.39
C ILE D 65 -8.80 -14.99 -44.36
N LEU D 66 -9.06 -16.18 -43.82
CA LEU D 66 -10.08 -16.36 -42.82
C LEU D 66 -9.40 -16.67 -41.49
N ASP D 67 -9.41 -15.70 -40.59
CA ASP D 67 -8.77 -15.82 -39.28
C ASP D 67 -9.74 -16.38 -38.23
N THR D 68 -9.23 -17.30 -37.42
CA THR D 68 -10.01 -17.89 -36.33
C THR D 68 -9.68 -17.19 -35.00
N ALA D 69 -9.19 -15.95 -35.11
CA ALA D 69 -8.77 -15.13 -33.98
C ALA D 69 -9.81 -15.06 -32.87
N GLY D 70 -9.39 -15.41 -31.66
CA GLY D 70 -10.26 -15.38 -30.47
C GLY D 70 -11.36 -16.43 -30.46
N GLN D 71 -11.40 -17.28 -31.47
CA GLN D 71 -12.46 -18.26 -31.63
C GLN D 71 -11.91 -19.69 -31.62
N GLU D 72 -10.67 -19.83 -31.16
CA GLU D 72 -9.94 -21.10 -31.20
C GLU D 72 -10.52 -22.15 -30.24
N ASP D 73 -11.17 -21.69 -29.17
CA ASP D 73 -11.74 -22.60 -28.17
C ASP D 73 -13.13 -23.11 -28.53
N TYR D 74 -13.77 -22.49 -29.52
CA TYR D 74 -15.09 -22.94 -29.95
C TYR D 74 -14.99 -24.13 -30.88
N ALA D 75 -15.26 -25.32 -30.34
CA ALA D 75 -15.09 -26.59 -31.05
C ALA D 75 -15.77 -26.66 -32.43
N ALA D 76 -17.07 -26.40 -32.46
CA ALA D 76 -17.87 -26.58 -33.67
C ALA D 76 -17.68 -25.48 -34.73
N ILE D 77 -17.22 -24.31 -34.30
CA ILE D 77 -17.03 -23.17 -35.18
C ILE D 77 -15.89 -23.40 -36.18
N ARG D 78 -14.70 -23.71 -35.66
CA ARG D 78 -13.54 -23.98 -36.51
C ARG D 78 -13.86 -25.06 -37.54
N ASP D 79 -14.61 -26.07 -37.10
CA ASP D 79 -15.09 -27.15 -37.94
C ASP D 79 -15.82 -26.62 -39.18
N ASN D 80 -16.53 -25.52 -39.02
CA ASN D 80 -17.31 -24.92 -40.11
C ASN D 80 -16.39 -24.15 -41.06
N TYR D 81 -15.48 -23.37 -40.48
CA TYR D 81 -14.48 -22.64 -41.26
C TYR D 81 -13.71 -23.60 -42.17
N PHE D 82 -13.31 -24.75 -41.62
CA PHE D 82 -12.47 -25.72 -42.30
C PHE D 82 -13.09 -26.35 -43.55
N ARG D 83 -14.42 -26.39 -43.63
CA ARG D 83 -15.10 -26.94 -44.80
C ARG D 83 -15.04 -25.99 -45.98
N SER D 84 -15.03 -24.70 -45.68
CA SER D 84 -14.97 -23.65 -46.70
C SER D 84 -13.57 -23.55 -47.28
N GLY D 85 -12.58 -23.48 -46.39
CA GLY D 85 -11.20 -23.25 -46.76
C GLY D 85 -10.59 -24.31 -47.67
N GLU D 86 -9.71 -23.86 -48.55
CA GLU D 86 -9.03 -24.74 -49.50
C GLU D 86 -7.53 -24.80 -49.21
N GLY D 87 -7.08 -23.99 -48.26
CA GLY D 87 -5.67 -23.94 -47.89
C GLY D 87 -5.50 -23.54 -46.44
N PHE D 88 -4.50 -24.13 -45.79
CA PHE D 88 -4.33 -23.98 -44.35
C PHE D 88 -2.93 -23.55 -43.93
N LEU D 89 -2.87 -22.65 -42.96
CA LEU D 89 -1.60 -22.26 -42.33
C LEU D 89 -1.58 -22.68 -40.87
N CYS D 90 -0.54 -23.44 -40.49
CA CYS D 90 -0.43 -23.98 -39.15
C CYS D 90 0.59 -23.18 -38.33
N VAL D 91 0.11 -22.14 -37.66
CA VAL D 91 0.99 -21.20 -36.96
C VAL D 91 1.21 -21.57 -35.49
N PHE D 92 2.49 -21.69 -35.12
CA PHE D 92 2.91 -21.89 -33.73
C PHE D 92 4.07 -20.96 -33.43
N SER D 93 4.30 -20.67 -32.16
CA SER D 93 5.45 -19.86 -31.74
C SER D 93 6.65 -20.72 -31.40
N ILE D 94 7.84 -20.20 -31.68
CA ILE D 94 9.10 -20.84 -31.30
C ILE D 94 9.39 -20.57 -29.82
N THR D 95 8.59 -19.69 -29.22
CA THR D 95 8.73 -19.30 -27.82
C THR D 95 8.01 -20.27 -26.87
N ASP D 96 6.85 -20.78 -27.30
CA ASP D 96 6.09 -21.73 -26.49
C ASP D 96 6.03 -23.11 -27.15
N ASP D 97 6.35 -24.14 -26.38
CA ASP D 97 6.26 -25.52 -26.85
C ASP D 97 4.83 -26.03 -26.75
N GLU D 98 4.06 -25.42 -25.85
CA GLU D 98 2.65 -25.76 -25.64
C GLU D 98 1.79 -25.44 -26.88
N SER D 99 2.12 -24.34 -27.55
CA SER D 99 1.48 -23.96 -28.81
C SER D 99 1.96 -24.83 -29.98
N PHE D 100 3.18 -25.35 -29.86
CA PHE D 100 3.75 -26.28 -30.82
C PHE D 100 3.21 -27.70 -30.64
N GLN D 101 2.79 -28.01 -29.41
CA GLN D 101 2.18 -29.30 -29.09
C GLN D 101 0.75 -29.39 -29.66
N ALA D 102 0.06 -28.24 -29.71
CA ALA D 102 -1.31 -28.17 -30.20
C ALA D 102 -1.41 -28.30 -31.73
N THR D 103 -0.27 -28.19 -32.41
CA THR D 103 -0.17 -28.26 -33.87
C THR D 103 -0.80 -29.52 -34.47
N GLN D 104 -0.43 -30.68 -33.92
CA GLN D 104 -0.90 -31.96 -34.41
C GLN D 104 -2.42 -32.10 -34.36
N GLU D 105 -3.02 -31.59 -33.28
CA GLU D 105 -4.48 -31.59 -33.11
C GLU D 105 -5.22 -30.77 -34.17
N PHE D 106 -4.62 -29.64 -34.57
CA PHE D 106 -5.18 -28.80 -35.63
C PHE D 106 -5.18 -29.52 -36.97
N ARG D 107 -4.07 -30.18 -37.30
CA ARG D 107 -3.96 -31.00 -38.50
C ARG D 107 -4.99 -32.14 -38.50
N GLU D 108 -5.18 -32.76 -37.34
CA GLU D 108 -6.17 -33.84 -37.17
C GLU D 108 -7.57 -33.37 -37.54
N GLN D 109 -7.99 -32.24 -36.97
CA GLN D 109 -9.33 -31.68 -37.22
C GLN D 109 -9.56 -31.28 -38.67
N ILE D 110 -8.50 -30.75 -39.31
CA ILE D 110 -8.55 -30.41 -40.73
C ILE D 110 -8.76 -31.67 -41.58
N LEU D 111 -8.06 -32.74 -41.22
CA LEU D 111 -8.24 -34.03 -41.88
C LEU D 111 -9.62 -34.65 -41.59
N ARG D 112 -10.14 -34.41 -40.38
CA ARG D 112 -11.49 -34.84 -39.99
C ARG D 112 -12.59 -34.22 -40.84
N VAL D 113 -12.49 -32.91 -41.06
CA VAL D 113 -13.49 -32.17 -41.83
C VAL D 113 -13.37 -32.44 -43.33
N LYS D 114 -12.13 -32.42 -43.83
CA LYS D 114 -11.88 -32.55 -45.26
C LYS D 114 -11.85 -33.99 -45.79
N ASN D 115 -11.66 -34.95 -44.87
CA ASN D 115 -11.71 -36.39 -45.20
C ASN D 115 -10.69 -36.81 -46.28
N ASP D 116 -9.64 -36.01 -46.44
CA ASP D 116 -8.67 -36.19 -47.51
C ASP D 116 -7.24 -35.83 -47.08
N GLU D 117 -6.30 -36.72 -47.36
CA GLU D 117 -4.90 -36.55 -46.97
C GLU D 117 -4.15 -35.54 -47.85
N SER D 118 -4.53 -35.48 -49.13
CA SER D 118 -3.87 -34.61 -50.11
C SER D 118 -4.54 -33.23 -50.19
N ILE D 119 -4.20 -32.36 -49.24
CA ILE D 119 -4.81 -31.04 -49.14
C ILE D 119 -3.78 -29.96 -48.73
N PRO D 120 -3.83 -28.78 -49.40
CA PRO D 120 -2.88 -27.69 -49.17
C PRO D 120 -2.66 -27.35 -47.69
N PHE D 121 -1.42 -27.52 -47.23
CA PHE D 121 -1.07 -27.34 -45.82
C PHE D 121 0.33 -26.75 -45.70
N LEU D 122 0.55 -25.92 -44.69
CA LEU D 122 1.84 -25.30 -44.45
C LEU D 122 2.05 -25.03 -42.96
N LEU D 123 3.13 -25.57 -42.42
CA LEU D 123 3.49 -25.39 -41.01
C LEU D 123 4.33 -24.13 -40.81
N VAL D 124 3.86 -23.25 -39.92
CA VAL D 124 4.47 -21.92 -39.75
C VAL D 124 5.00 -21.70 -38.33
N GLY D 125 6.26 -21.25 -38.24
CA GLY D 125 6.89 -20.92 -36.97
C GLY D 125 7.11 -19.43 -36.84
N ASN D 126 6.36 -18.81 -35.94
CA ASN D 126 6.42 -17.36 -35.72
C ASN D 126 7.26 -17.01 -34.49
N LYS D 127 7.93 -15.86 -34.52
CA LYS D 127 8.85 -15.48 -33.45
C LYS D 127 8.23 -14.55 -32.39
N CYS D 128 8.12 -13.26 -32.72
CA CYS D 128 7.61 -12.22 -31.80
C CYS D 128 8.42 -12.10 -30.52
N LYS D 135 12.69 -20.92 -27.76
CA LYS D 135 12.91 -22.05 -26.86
C LYS D 135 12.83 -23.40 -27.56
N VAL D 136 11.89 -23.52 -28.52
CA VAL D 136 11.67 -24.75 -29.28
C VAL D 136 12.80 -24.98 -30.28
N PRO D 137 13.44 -26.18 -30.25
CA PRO D 137 14.53 -26.50 -31.18
C PRO D 137 14.05 -26.65 -32.62
N LEU D 138 14.89 -26.20 -33.56
CA LEU D 138 14.56 -26.25 -34.99
C LEU D 138 14.64 -27.66 -35.57
N SER D 139 15.36 -28.54 -34.88
CA SER D 139 15.47 -29.95 -35.26
C SER D 139 14.15 -30.70 -35.05
N GLU D 140 13.39 -30.29 -34.03
CA GLU D 140 12.07 -30.87 -33.75
C GLU D 140 10.96 -30.28 -34.63
N CYS D 141 11.20 -29.07 -35.14
CA CYS D 141 10.26 -28.41 -36.06
C CYS D 141 10.31 -28.97 -37.47
N GLN D 142 11.51 -29.38 -37.90
CA GLN D 142 11.70 -29.99 -39.22
C GLN D 142 11.23 -31.44 -39.25
N LEU D 143 11.21 -32.08 -38.07
CA LEU D 143 10.76 -33.47 -37.92
C LEU D 143 9.27 -33.63 -38.22
N ARG D 144 8.46 -32.68 -37.74
CA ARG D 144 7.01 -32.67 -37.99
C ARG D 144 6.69 -32.47 -39.46
N ALA D 145 7.53 -31.66 -40.13
CA ALA D 145 7.39 -31.38 -41.56
C ALA D 145 7.79 -32.56 -42.44
N GLN D 146 8.79 -33.33 -42.02
CA GLN D 146 9.19 -34.54 -42.75
C GLN D 146 8.32 -35.74 -42.39
N GLN D 147 7.57 -35.62 -41.29
CA GLN D 147 6.53 -36.60 -40.92
C GLN D 147 5.38 -36.55 -41.92
N TRP D 148 5.06 -35.35 -42.39
CA TRP D 148 4.01 -35.15 -43.39
C TRP D 148 4.64 -34.82 -44.75
N ALA D 149 3.81 -34.64 -45.78
CA ALA D 149 4.28 -34.20 -47.09
C ALA D 149 4.07 -32.69 -47.22
N VAL D 150 4.48 -31.97 -46.17
CA VAL D 150 4.20 -30.54 -46.02
C VAL D 150 5.49 -29.73 -45.80
N PRO D 151 5.74 -28.73 -46.66
CA PRO D 151 6.90 -27.85 -46.49
C PRO D 151 6.82 -26.98 -45.23
N TYR D 152 7.97 -26.63 -44.68
CA TYR D 152 8.06 -25.84 -43.45
C TYR D 152 8.66 -24.46 -43.69
N VAL D 153 8.03 -23.43 -43.13
CA VAL D 153 8.50 -22.05 -43.24
C VAL D 153 8.52 -21.37 -41.86
N GLU D 154 9.60 -20.65 -41.58
CA GLU D 154 9.73 -19.86 -40.35
C GLU D 154 9.51 -18.39 -40.67
N THR D 155 8.81 -17.69 -39.76
CA THR D 155 8.46 -16.29 -39.96
C THR D 155 8.76 -15.44 -38.75
N SER D 156 8.97 -14.14 -38.99
CA SER D 156 9.19 -13.17 -37.91
C SER D 156 8.02 -12.19 -37.85
N ALA D 157 7.64 -11.83 -36.62
CA ALA D 157 6.48 -10.95 -36.39
C ALA D 157 6.78 -9.49 -36.72
N LYS D 158 8.02 -9.07 -36.52
CA LYS D 158 8.39 -7.65 -36.66
C LYS D 158 9.40 -7.36 -37.78
N THR D 159 10.22 -8.35 -38.13
CA THR D 159 11.17 -8.22 -39.24
C THR D 159 10.47 -8.47 -40.57
N ARG D 160 9.28 -9.06 -40.51
CA ARG D 160 8.45 -9.37 -41.68
C ARG D 160 9.16 -10.32 -42.66
N GLU D 161 9.96 -11.23 -42.10
CA GLU D 161 10.63 -12.25 -42.89
C GLU D 161 9.66 -13.38 -43.23
N ASN D 162 9.60 -13.71 -44.52
CA ASN D 162 8.79 -14.81 -45.05
C ASN D 162 7.27 -14.68 -44.87
N VAL D 163 6.82 -13.46 -44.55
CA VAL D 163 5.39 -13.19 -44.37
C VAL D 163 4.65 -13.17 -45.70
N ASP D 164 5.27 -12.56 -46.72
CA ASP D 164 4.74 -12.61 -48.07
C ASP D 164 4.93 -14.01 -48.64
N LYS D 165 6.07 -14.63 -48.33
CA LYS D 165 6.41 -15.96 -48.81
C LYS D 165 5.39 -17.02 -48.40
N VAL D 166 4.94 -16.96 -47.15
CA VAL D 166 4.09 -17.99 -46.56
C VAL D 166 2.71 -18.15 -47.24
N PHE D 167 2.10 -17.03 -47.63
CA PHE D 167 0.81 -17.05 -48.31
C PHE D 167 0.94 -17.40 -49.78
N PHE D 168 1.91 -16.77 -50.46
CA PHE D 168 2.20 -17.05 -51.86
C PHE D 168 2.53 -18.52 -52.08
N ASP D 169 3.28 -19.10 -51.13
CA ASP D 169 3.57 -20.53 -51.13
C ASP D 169 2.30 -21.38 -51.03
N LEU D 170 1.35 -20.94 -50.20
CA LEU D 170 0.11 -21.68 -49.98
C LEU D 170 -0.82 -21.59 -51.20
N MET D 171 -0.98 -20.37 -51.73
CA MET D 171 -1.84 -20.12 -52.88
C MET D 171 -1.46 -20.99 -54.08
N ARG D 172 -0.15 -21.19 -54.24
CA ARG D 172 0.38 -22.09 -55.26
C ARG D 172 -0.11 -23.51 -55.06
N GLU D 173 -0.02 -24.00 -53.82
CA GLU D 173 -0.48 -25.35 -53.46
C GLU D 173 -1.99 -25.52 -53.65
N ILE D 174 -2.74 -24.45 -53.35
CA ILE D 174 -4.19 -24.41 -53.55
C ILE D 174 -4.54 -24.47 -55.03
N ARG D 175 -3.89 -23.61 -55.81
CA ARG D 175 -4.05 -23.57 -57.27
C ARG D 175 -3.62 -24.90 -57.91
N SER D 176 -2.62 -25.55 -57.30
CA SER D 176 -2.19 -26.88 -57.71
C SER D 176 -3.29 -27.93 -57.47
N ARG D 177 -4.00 -27.81 -56.35
CA ARG D 177 -5.12 -28.69 -56.02
C ARG D 177 -6.34 -28.41 -56.89
N LYS D 178 -6.47 -27.16 -57.33
CA LYS D 178 -7.57 -26.75 -58.21
C LYS D 178 -7.35 -27.22 -59.66
N THR D 179 -6.39 -28.13 -59.83
CA THR D 179 -6.14 -28.79 -61.11
C THR D 179 -6.84 -30.15 -61.12
N GLU D 180 -7.96 -30.21 -61.83
CA GLU D 180 -8.76 -31.42 -61.96
C GLU D 180 -9.63 -31.30 -63.22
N ASP D 181 -9.57 -32.34 -64.07
CA ASP D 181 -10.29 -32.40 -65.35
C ASP D 181 -9.87 -31.27 -66.30
#